data_2G1O
#
_entry.id   2G1O
#
_cell.length_a   141.254
_cell.length_b   141.254
_cell.length_c   141.254
_cell.angle_alpha   90.00
_cell.angle_beta   90.00
_cell.angle_gamma   90.00
#
_symmetry.space_group_name_H-M   'P 21 3'
#
loop_
_entity.id
_entity.type
_entity.pdbx_description
1 polymer Renin
2 non-polymer 2-acetamido-2-deoxy-beta-D-glucopyranose
3 non-polymer 6-ETHYL-5-[9-(3-METHOXYPROPYL)-9H-CARBAZOL-2-YL]PYRIMIDINE-2,4-DIAMINE
4 water water
#
_entity_poly.entity_id   1
_entity_poly.type   'polypeptide(L)'
_entity_poly.pdbx_seq_one_letter_code
;SSVILTNYMDTQYYGEIGIGTPPQTFKVVFDTGSSNVWVPSSKCSRLYTACVYHKLFDASDSSSYKHNGTELTLRYSTGT
VSGFLSQDIITVGGITVTQMFGEVTEMPALPFMLAEFDGVVGMGFIEQAIGRVTPIFDNIISQGVLKEDVFSFYYNRDSE
NSQSLGGQIVLGGSDPQHYEGNFHYINLIKTGVWQIQMKGVSVGSSTLLCEDGCLALVDTGASYISGSTSSIEKLMEALG
AKKRLFDYVVKCNEGPTLPDISFHLGGKEYTLTSADYVFQESYSSKKLCTLAIHAMDIPPPTGPTWALGATFIRKFYTEF
DRRNNRIGFALAR
;
_entity_poly.pdbx_strand_id   A,B
#
loop_
_chem_comp.id
_chem_comp.type
_chem_comp.name
_chem_comp.formula
2IG non-polymer 6-ETHYL-5-[9-(3-METHOXYPROPYL)-9H-CARBAZOL-2-YL]PYRIMIDINE-2,4-DIAMINE 'C22 H25 N5 O'
NAG D-saccharide, beta linking 2-acetamido-2-deoxy-beta-D-glucopyranose 'C8 H15 N O6'
#
# COMPACT_ATOMS: atom_id res chain seq x y z
N SER A 1 35.64 6.54 -14.06
CA SER A 1 34.78 5.75 -13.20
C SER A 1 33.36 6.27 -13.16
N SER A 2 32.42 5.36 -13.06
CA SER A 2 31.03 5.75 -12.96
C SER A 2 30.51 5.17 -11.66
N VAL A 3 29.50 5.81 -11.07
CA VAL A 3 28.92 5.33 -9.83
C VAL A 3 27.42 5.20 -10.00
N ILE A 4 26.88 4.04 -9.66
CA ILE A 4 25.44 3.83 -9.78
C ILE A 4 24.75 4.64 -8.69
N LEU A 5 23.66 5.32 -9.03
CA LEU A 5 22.93 6.10 -8.06
C LEU A 5 21.53 5.55 -7.83
N THR A 6 21.05 5.70 -6.60
CA THR A 6 19.73 5.23 -6.25
C THR A 6 18.80 6.44 -6.27
N ASN A 7 17.63 6.26 -6.87
CA ASN A 7 16.64 7.32 -6.97
C ASN A 7 15.51 7.05 -5.99
N TYR A 8 15.39 7.92 -4.98
CA TYR A 8 14.35 7.80 -3.99
C TYR A 8 13.30 8.86 -4.25
N MET A 9 12.13 8.43 -4.68
CA MET A 9 10.99 9.31 -4.95
C MET A 9 11.27 10.57 -5.74
N ASP A 10 12.27 10.53 -6.63
CA ASP A 10 12.61 11.70 -7.45
C ASP A 10 13.11 12.91 -6.67
N THR A 11 13.40 12.74 -5.40
CA THR A 11 13.87 13.88 -4.62
C THR A 11 15.21 13.64 -3.94
N GLN A 12 15.75 12.45 -4.09
CA GLN A 12 17.02 12.14 -3.47
C GLN A 12 17.82 11.18 -4.34
N TYR A 13 19.03 11.61 -4.72
CA TYR A 13 19.90 10.78 -5.54
C TYR A 13 21.21 10.52 -4.80
N TYR A 14 21.49 9.25 -4.52
CA TYR A 14 22.72 8.92 -3.82
C TYR A 14 23.45 7.70 -4.35
N GLY A 15 24.73 7.60 -3.99
CA GLY A 15 25.57 6.50 -4.42
C GLY A 15 26.45 6.09 -3.27
N GLU A 16 27.15 4.97 -3.42
CA GLU A 16 28.02 4.47 -2.37
C GLU A 16 29.47 4.92 -2.42
N ILE A 17 30.08 5.00 -1.24
CA ILE A 17 31.49 5.35 -1.11
C ILE A 17 31.98 4.62 0.14
N GLY A 18 33.23 4.17 0.10
CA GLY A 18 33.79 3.46 1.23
C GLY A 18 34.82 4.35 1.93
N ILE A 19 34.79 4.37 3.25
CA ILE A 19 35.75 5.18 3.99
C ILE A 19 36.50 4.32 5.01
N GLY A 20 37.81 4.44 5.03
CA GLY A 20 38.61 3.68 5.98
C GLY A 20 39.00 2.27 5.58
N THR A 21 39.76 1.63 6.47
CA THR A 21 40.23 0.28 6.27
C THR A 21 39.92 -0.52 7.53
N PRO A 22 39.05 -1.55 7.43
CA PRO A 22 38.36 -2.01 6.23
C PRO A 22 37.37 -0.93 5.80
N PRO A 23 36.82 -1.04 4.59
CA PRO A 23 35.86 -0.04 4.11
C PRO A 23 34.56 -0.02 4.89
N GLN A 24 34.16 1.19 5.29
CA GLN A 24 32.90 1.43 5.99
C GLN A 24 32.12 2.13 4.89
N THR A 25 30.95 1.61 4.54
CA THR A 25 30.15 2.19 3.45
C THR A 25 29.12 3.24 3.87
N PHE A 26 28.88 4.20 2.99
CA PHE A 26 27.92 5.27 3.24
C PHE A 26 27.16 5.63 1.96
N LYS A 27 25.89 5.97 2.11
CA LYS A 27 25.10 6.41 0.97
C LYS A 27 25.32 7.91 0.96
N VAL A 28 25.75 8.47 -0.16
CA VAL A 28 25.99 9.91 -0.21
C VAL A 28 25.43 10.58 -1.45
N VAL A 29 25.08 11.86 -1.30
CA VAL A 29 24.59 12.66 -2.41
C VAL A 29 25.80 13.38 -2.99
N PHE A 30 25.98 13.31 -4.31
CA PHE A 30 27.10 14.01 -4.93
C PHE A 30 26.54 15.38 -5.27
N ASP A 31 27.02 16.35 -4.51
CA ASP A 31 26.54 17.72 -4.55
C ASP A 31 27.45 18.76 -5.21
N THR A 32 27.03 19.28 -6.36
CA THR A 32 27.80 20.31 -7.04
C THR A 32 27.52 21.63 -6.36
N GLY A 33 26.63 21.59 -5.37
CA GLY A 33 26.26 22.78 -4.62
C GLY A 33 27.04 23.03 -3.34
N SER A 34 27.92 22.10 -2.96
CA SER A 34 28.75 22.27 -1.77
C SER A 34 30.14 21.75 -2.14
N SER A 35 31.11 21.84 -1.23
CA SER A 35 32.46 21.39 -1.55
C SER A 35 33.13 20.53 -0.48
N ASN A 36 32.38 20.15 0.55
CA ASN A 36 32.94 19.34 1.61
C ASN A 36 32.38 17.92 1.57
N VAL A 37 33.08 17.00 2.21
CA VAL A 37 32.61 15.63 2.29
C VAL A 37 32.29 15.38 3.76
N TRP A 38 31.15 14.76 4.02
CA TRP A 38 30.81 14.45 5.38
C TRP A 38 29.90 13.24 5.51
N VAL A 39 30.08 12.49 6.58
CA VAL A 39 29.25 11.32 6.86
C VAL A 39 29.00 11.36 8.37
N PRO A 40 27.90 10.77 8.84
CA PRO A 40 27.57 10.74 10.28
C PRO A 40 28.67 10.06 11.08
N SER A 41 28.96 10.61 12.25
CA SER A 41 30.00 10.09 13.12
C SER A 41 29.48 9.23 14.27
N SER A 42 30.33 8.34 14.75
CA SER A 42 29.98 7.46 15.85
C SER A 42 30.00 8.28 17.15
N LYS A 43 30.67 9.42 17.12
CA LYS A 43 30.74 10.30 18.28
C LYS A 43 29.48 11.15 18.37
N CYS A 44 28.55 10.93 17.43
CA CYS A 44 27.30 11.65 17.41
C CYS A 44 26.37 11.04 18.44
N SER A 45 26.02 11.83 19.45
CA SER A 45 25.12 11.40 20.52
C SER A 45 23.86 10.78 19.98
N ARG A 46 23.45 9.64 20.54
CA ARG A 46 22.25 8.98 20.07
C ARG A 46 20.99 9.74 20.47
N LEU A 47 21.20 10.92 21.06
CA LEU A 47 20.11 11.80 21.45
C LEU A 47 19.67 12.48 20.16
N TYR A 48 20.52 12.39 19.14
CA TYR A 48 20.23 12.90 17.79
C TYR A 48 19.68 11.68 17.08
N THR A 49 18.36 11.53 17.08
CA THR A 49 17.74 10.37 16.45
C THR A 49 18.26 10.08 15.04
N ALA A 50 18.52 11.12 14.25
CA ALA A 50 19.05 10.94 12.89
C ALA A 50 20.32 10.08 12.87
N CYS A 51 21.11 10.14 13.94
CA CYS A 51 22.32 9.36 14.01
C CYS A 51 21.99 7.92 14.31
N VAL A 52 20.83 7.72 14.93
CA VAL A 52 20.38 6.38 15.25
C VAL A 52 19.93 5.68 13.97
N TYR A 53 19.44 6.45 12.99
CA TYR A 53 18.97 5.90 11.72
C TYR A 53 19.90 6.01 10.51
N HIS A 54 21.20 6.20 10.74
CA HIS A 54 22.13 6.27 9.62
C HIS A 54 23.44 5.59 9.93
N LYS A 55 24.21 5.29 8.88
CA LYS A 55 25.50 4.65 9.07
C LYS A 55 26.42 5.67 9.72
N LEU A 56 27.18 5.22 10.70
CA LEU A 56 28.11 6.08 11.41
C LEU A 56 29.52 5.60 11.18
N PHE A 57 30.42 6.51 10.83
CA PHE A 57 31.80 6.13 10.63
C PHE A 57 32.44 6.02 12.01
N ASP A 58 33.16 4.92 12.23
CA ASP A 58 33.83 4.72 13.51
C ASP A 58 35.34 4.76 13.24
N ALA A 59 36.00 5.79 13.74
CA ALA A 59 37.43 5.94 13.53
C ALA A 59 38.21 4.79 14.15
N SER A 60 37.80 4.35 15.33
CA SER A 60 38.50 3.28 16.02
C SER A 60 38.49 1.93 15.30
N ASP A 61 37.89 1.85 14.12
CA ASP A 61 37.85 0.59 13.39
C ASP A 61 38.58 0.73 12.07
N SER A 62 39.22 1.88 11.87
CA SER A 62 39.94 2.14 10.62
C SER A 62 41.45 2.28 10.86
N SER A 63 42.21 1.37 10.26
CA SER A 63 43.66 1.38 10.41
C SER A 63 44.33 2.42 9.53
N SER A 64 43.54 3.10 8.69
CA SER A 64 44.08 4.12 7.80
C SER A 64 43.62 5.53 8.18
N TYR A 65 43.00 5.64 9.34
CA TYR A 65 42.49 6.91 9.83
C TYR A 65 43.57 7.85 10.36
N LYS A 66 43.41 9.13 10.06
CA LYS A 66 44.34 10.13 10.52
C LYS A 66 43.54 11.22 11.22
N HIS A 67 43.80 11.39 12.51
CA HIS A 67 43.11 12.38 13.32
C HIS A 67 43.41 13.82 12.93
N ASN A 68 42.47 14.71 13.25
CA ASN A 68 42.62 16.13 12.98
C ASN A 68 41.78 16.90 14.00
N GLY A 69 40.50 16.58 14.05
CA GLY A 69 39.61 17.20 15.03
C GLY A 69 39.20 18.65 14.88
N THR A 70 39.63 19.30 13.81
CA THR A 70 39.23 20.69 13.60
C THR A 70 37.72 20.74 13.40
N GLU A 71 37.06 21.65 14.09
CA GLU A 71 35.61 21.76 13.96
C GLU A 71 35.15 22.45 12.69
N LEU A 72 34.02 21.99 12.17
CA LEU A 72 33.45 22.60 10.98
C LEU A 72 31.94 22.48 11.03
N THR A 73 31.27 23.47 10.46
CA THR A 73 29.82 23.48 10.41
C THR A 73 29.45 23.70 8.96
N LEU A 74 28.63 22.81 8.41
CA LEU A 74 28.18 22.92 7.02
C LEU A 74 26.77 23.49 6.99
N ARG A 75 26.57 24.54 6.20
CA ARG A 75 25.25 25.17 6.12
C ARG A 75 24.60 25.10 4.75
N TYR A 76 23.49 24.38 4.68
CA TYR A 76 22.76 24.23 3.43
C TYR A 76 21.46 25.02 3.50
N SER A 77 20.83 25.21 2.35
CA SER A 77 19.60 25.97 2.28
C SER A 77 18.46 25.33 3.06
N THR A 78 18.57 24.02 3.29
CA THR A 78 17.49 23.35 3.99
C THR A 78 17.87 22.63 5.26
N GLY A 79 19.04 22.96 5.80
CA GLY A 79 19.48 22.31 7.02
C GLY A 79 20.96 22.50 7.28
N THR A 80 21.38 22.18 8.50
CA THR A 80 22.76 22.34 8.91
C THR A 80 23.33 21.10 9.60
N VAL A 81 24.63 20.86 9.43
CA VAL A 81 25.31 19.75 10.09
C VAL A 81 26.59 20.29 10.70
N SER A 82 27.04 19.67 11.77
CA SER A 82 28.24 20.15 12.43
C SER A 82 29.08 18.98 12.91
N GLY A 83 30.37 19.21 13.06
CA GLY A 83 31.27 18.16 13.52
C GLY A 83 32.74 18.54 13.51
N PHE A 84 33.59 17.60 13.17
CA PHE A 84 35.04 17.84 13.13
C PHE A 84 35.64 17.07 11.98
N LEU A 85 36.79 17.54 11.51
CA LEU A 85 37.51 16.92 10.41
C LEU A 85 38.28 15.66 10.77
N SER A 86 38.42 14.78 9.78
CA SER A 86 39.14 13.52 9.91
C SER A 86 39.68 13.18 8.53
N GLN A 87 40.65 12.29 8.48
CA GLN A 87 41.23 11.90 7.20
C GLN A 87 41.28 10.38 7.09
N ASP A 88 41.10 9.89 5.89
CA ASP A 88 41.14 8.46 5.67
C ASP A 88 40.98 8.21 4.20
N ILE A 89 41.10 6.97 3.76
CA ILE A 89 40.98 6.67 2.35
C ILE A 89 39.52 6.47 1.97
N ILE A 90 39.10 7.19 0.95
CA ILE A 90 37.74 7.11 0.46
C ILE A 90 37.75 6.44 -0.89
N THR A 91 36.81 5.54 -1.08
CA THR A 91 36.69 4.82 -2.32
C THR A 91 35.51 5.40 -3.09
N VAL A 92 35.71 5.72 -4.36
CA VAL A 92 34.63 6.26 -5.17
C VAL A 92 34.56 5.50 -6.48
N GLY A 93 33.77 4.44 -6.50
CA GLY A 93 33.62 3.63 -7.70
C GLY A 93 34.88 3.36 -8.48
N GLY A 94 35.91 2.83 -7.81
CA GLY A 94 37.15 2.54 -8.50
C GLY A 94 38.32 3.33 -7.97
N ILE A 95 38.24 4.66 -8.08
CA ILE A 95 39.28 5.53 -7.59
C ILE A 95 39.38 5.50 -6.07
N THR A 96 40.60 5.65 -5.55
CA THR A 96 40.85 5.68 -4.12
C THR A 96 41.64 6.95 -3.83
N VAL A 97 41.12 7.81 -2.97
CA VAL A 97 41.81 9.05 -2.63
C VAL A 97 41.87 9.22 -1.12
N THR A 98 42.96 9.81 -0.64
CA THR A 98 43.10 10.07 0.78
C THR A 98 42.39 11.40 0.96
N GLN A 99 41.17 11.34 1.50
CA GLN A 99 40.37 12.52 1.68
C GLN A 99 40.20 13.03 3.10
N MET A 100 39.98 14.33 3.22
CA MET A 100 39.75 14.97 4.50
C MET A 100 38.25 15.21 4.50
N PHE A 101 37.56 14.61 5.46
CA PHE A 101 36.12 14.78 5.53
C PHE A 101 35.70 15.20 6.92
N GLY A 102 34.42 15.51 7.06
CA GLY A 102 33.94 15.92 8.36
C GLY A 102 33.07 14.86 8.99
N GLU A 103 33.37 14.51 10.24
CA GLU A 103 32.57 13.54 10.96
C GLU A 103 31.51 14.37 11.66
N VAL A 104 30.28 14.26 11.21
CA VAL A 104 29.21 15.03 11.80
C VAL A 104 28.79 14.46 13.15
N THR A 105 28.69 15.33 14.16
CA THR A 105 28.27 14.91 15.48
C THR A 105 26.96 15.59 15.88
N GLU A 106 26.41 16.39 14.97
CA GLU A 106 25.15 17.08 15.20
C GLU A 106 24.38 17.01 13.89
N MET A 107 23.38 16.14 13.86
CA MET A 107 22.57 15.87 12.68
C MET A 107 21.09 16.02 13.06
N PRO A 108 20.55 17.24 12.90
CA PRO A 108 19.15 17.54 13.22
C PRO A 108 18.07 16.61 12.66
N ALA A 109 17.20 16.16 13.56
CA ALA A 109 16.09 15.28 13.21
C ALA A 109 15.38 15.83 11.99
N LEU A 110 15.02 17.11 12.05
CA LEU A 110 14.41 17.78 10.92
C LEU A 110 15.58 18.55 10.34
N PRO A 111 15.94 18.29 9.08
CA PRO A 111 15.29 17.32 8.17
C PRO A 111 15.95 15.96 8.01
N PHE A 112 17.14 15.76 8.58
CA PHE A 112 17.83 14.51 8.34
C PHE A 112 17.18 13.17 8.62
N MET A 113 16.11 13.15 9.42
CA MET A 113 15.39 11.90 9.68
C MET A 113 14.68 11.51 8.40
N LEU A 114 14.53 12.47 7.50
CA LEU A 114 13.87 12.23 6.22
C LEU A 114 14.85 11.83 5.13
N ALA A 115 16.14 11.90 5.43
CA ALA A 115 17.18 11.55 4.48
C ALA A 115 17.36 10.05 4.35
N GLU A 116 17.47 9.59 3.11
CA GLU A 116 17.71 8.17 2.83
C GLU A 116 19.22 8.00 2.78
N PHE A 117 19.93 9.06 2.45
CA PHE A 117 21.37 9.02 2.38
C PHE A 117 21.95 9.24 3.76
N ASP A 118 23.23 8.93 3.93
CA ASP A 118 23.91 9.13 5.20
C ASP A 118 24.66 10.46 5.22
N GLY A 119 25.30 10.78 4.10
CA GLY A 119 26.07 12.02 4.05
C GLY A 119 26.21 12.68 2.70
N VAL A 120 27.19 13.58 2.60
CA VAL A 120 27.40 14.31 1.37
C VAL A 120 28.84 14.38 0.85
N VAL A 121 28.97 14.34 -0.47
CA VAL A 121 30.26 14.46 -1.12
C VAL A 121 30.15 15.70 -1.99
N GLY A 122 30.85 16.76 -1.60
CA GLY A 122 30.82 18.00 -2.37
C GLY A 122 31.61 17.95 -3.66
N MET A 123 30.96 18.28 -4.77
CA MET A 123 31.63 18.30 -6.07
C MET A 123 31.89 19.75 -6.49
N GLY A 124 31.94 20.65 -5.52
CA GLY A 124 32.17 22.05 -5.82
C GLY A 124 33.64 22.44 -5.76
N PHE A 125 33.94 23.71 -6.03
CA PHE A 125 35.32 24.19 -6.01
C PHE A 125 35.83 24.45 -4.60
N ILE A 126 37.14 24.46 -4.45
CA ILE A 126 37.74 24.71 -3.15
C ILE A 126 37.39 26.11 -2.63
N GLU A 127 37.08 27.03 -3.53
CA GLU A 127 36.71 28.38 -3.12
C GLU A 127 35.52 28.36 -2.16
N GLN A 128 34.70 27.32 -2.27
CA GLN A 128 33.51 27.21 -1.43
C GLN A 128 33.67 26.22 -0.26
N ALA A 129 34.83 25.58 -0.21
CA ALA A 129 35.11 24.62 0.84
C ALA A 129 35.19 25.30 2.20
N ILE A 130 34.51 24.71 3.18
CA ILE A 130 34.54 25.26 4.53
C ILE A 130 35.78 24.70 5.19
N GLY A 131 36.54 25.55 5.86
CA GLY A 131 37.75 25.10 6.51
C GLY A 131 38.90 24.96 5.51
N ARG A 132 38.70 25.55 4.33
CA ARG A 132 39.70 25.49 3.27
C ARG A 132 40.15 24.05 2.98
N VAL A 133 39.25 23.10 3.18
CA VAL A 133 39.56 21.69 2.94
C VAL A 133 39.56 21.37 1.43
N THR A 134 40.58 20.67 0.98
CA THR A 134 40.67 20.30 -0.43
C THR A 134 39.52 19.36 -0.84
N PRO A 135 38.69 19.80 -1.79
CA PRO A 135 37.55 19.03 -2.30
C PRO A 135 38.02 17.68 -2.84
N ILE A 136 37.15 16.68 -2.79
CA ILE A 136 37.53 15.36 -3.27
C ILE A 136 37.86 15.30 -4.77
N PHE A 137 37.20 16.11 -5.59
CA PHE A 137 37.52 16.05 -7.01
C PHE A 137 38.92 16.58 -7.27
N ASP A 138 39.28 17.67 -6.61
CA ASP A 138 40.62 18.22 -6.77
C ASP A 138 41.66 17.12 -6.52
N ASN A 139 41.47 16.38 -5.44
CA ASN A 139 42.39 15.30 -5.09
C ASN A 139 42.43 14.21 -6.16
N ILE A 140 41.27 13.78 -6.64
CA ILE A 140 41.23 12.75 -7.67
C ILE A 140 41.99 13.22 -8.91
N ILE A 141 41.82 14.49 -9.26
CA ILE A 141 42.51 15.05 -10.41
C ILE A 141 44.02 15.02 -10.22
N SER A 142 44.47 15.28 -9.00
CA SER A 142 45.89 15.28 -8.69
C SER A 142 46.53 13.95 -9.06
N GLN A 143 45.83 12.87 -8.79
CA GLN A 143 46.34 11.55 -9.10
C GLN A 143 46.74 11.47 -10.57
N GLY A 144 46.14 12.33 -11.39
CA GLY A 144 46.44 12.33 -12.82
C GLY A 144 46.11 11.02 -13.51
N VAL A 145 44.94 10.47 -13.24
CA VAL A 145 44.52 9.20 -13.83
C VAL A 145 43.23 9.36 -14.62
N LEU A 146 42.51 10.46 -14.38
CA LEU A 146 41.26 10.70 -15.09
C LEU A 146 41.55 11.14 -16.51
N LYS A 147 40.79 10.60 -17.45
CA LYS A 147 40.96 10.92 -18.86
C LYS A 147 40.72 12.40 -19.14
N GLU A 148 39.85 13.03 -18.35
CA GLU A 148 39.53 14.44 -18.52
C GLU A 148 39.08 15.05 -17.19
N ASP A 149 39.30 16.35 -17.04
CA ASP A 149 38.91 17.07 -15.83
C ASP A 149 37.45 17.46 -15.86
N VAL A 150 36.58 16.46 -15.85
CA VAL A 150 35.14 16.69 -15.89
C VAL A 150 34.38 15.54 -15.26
N PHE A 151 33.15 15.82 -14.84
CA PHE A 151 32.29 14.77 -14.30
C PHE A 151 30.89 15.02 -14.82
N SER A 152 30.16 13.93 -15.10
CA SER A 152 28.82 14.05 -15.63
C SER A 152 27.76 13.43 -14.74
N PHE A 153 26.55 14.02 -14.80
CA PHE A 153 25.42 13.55 -14.03
C PHE A 153 24.25 13.10 -14.88
N TYR A 154 23.67 11.99 -14.47
CA TYR A 154 22.50 11.44 -15.12
C TYR A 154 21.53 11.06 -14.02
N TYR A 155 20.38 11.74 -13.97
CA TYR A 155 19.35 11.45 -12.97
C TYR A 155 18.16 10.92 -13.73
N ASN A 156 17.87 9.64 -13.55
CA ASN A 156 16.75 9.01 -14.22
C ASN A 156 15.46 9.42 -13.53
N ARG A 157 14.33 9.16 -14.19
CA ARG A 157 13.04 9.47 -13.61
C ARG A 157 12.76 8.37 -12.61
N ASP A 158 11.85 8.63 -11.68
CA ASP A 158 11.50 7.66 -10.65
C ASP A 158 11.08 6.33 -11.29
N SER A 159 11.08 5.26 -10.51
CA SER A 159 10.66 3.98 -11.05
C SER A 159 10.09 3.05 -9.99
N GLU A 160 9.03 2.34 -10.38
CA GLU A 160 8.33 1.43 -9.48
C GLU A 160 8.91 0.01 -9.51
N ASN A 161 9.92 -0.19 -10.35
CA ASN A 161 10.57 -1.50 -10.44
C ASN A 161 12.08 -1.35 -10.28
N SER A 162 12.63 -1.99 -9.25
CA SER A 162 14.06 -1.91 -8.96
C SER A 162 14.91 -2.65 -9.99
N GLN A 163 14.73 -2.29 -11.26
CA GLN A 163 15.47 -2.90 -12.36
C GLN A 163 16.11 -1.84 -13.27
N SER A 164 15.77 -0.57 -13.03
CA SER A 164 16.32 0.55 -13.81
C SER A 164 17.21 1.37 -12.88
N LEU A 165 18.34 1.87 -13.40
CA LEU A 165 19.22 2.64 -12.54
C LEU A 165 18.63 4.01 -12.24
N GLY A 166 18.67 4.37 -10.97
CA GLY A 166 18.14 5.66 -10.54
C GLY A 166 18.95 6.81 -11.07
N GLY A 167 20.21 6.56 -11.38
CA GLY A 167 21.05 7.61 -11.89
C GLY A 167 22.49 7.15 -11.97
N GLN A 168 23.33 8.00 -12.55
CA GLN A 168 24.74 7.64 -12.68
C GLN A 168 25.63 8.86 -12.78
N ILE A 169 26.75 8.82 -12.07
CA ILE A 169 27.69 9.93 -12.14
C ILE A 169 28.99 9.37 -12.70
N VAL A 170 29.50 10.05 -13.73
CA VAL A 170 30.76 9.63 -14.36
C VAL A 170 31.90 10.55 -13.96
N LEU A 171 32.99 9.95 -13.52
CA LEU A 171 34.18 10.70 -13.13
C LEU A 171 35.15 10.62 -14.29
N GLY A 172 35.43 11.75 -14.92
CA GLY A 172 36.35 11.79 -16.04
C GLY A 172 35.70 11.83 -17.42
N GLY A 173 34.41 12.11 -17.49
CA GLY A 173 33.76 12.16 -18.78
C GLY A 173 32.26 12.04 -18.76
N SER A 174 31.68 11.72 -19.92
CA SER A 174 30.25 11.56 -20.04
C SER A 174 29.96 10.14 -20.46
N ASP A 175 28.68 9.76 -20.46
CA ASP A 175 28.30 8.43 -20.88
C ASP A 175 27.23 8.60 -21.97
N PRO A 176 27.65 8.49 -23.24
CA PRO A 176 26.81 8.63 -24.44
C PRO A 176 25.54 7.81 -24.36
N GLN A 177 25.58 6.76 -23.54
CA GLN A 177 24.43 5.90 -23.35
C GLN A 177 23.23 6.66 -22.80
N HIS A 178 23.48 7.76 -22.09
CA HIS A 178 22.41 8.54 -21.47
C HIS A 178 22.12 9.94 -21.97
N TYR A 179 22.53 10.25 -23.20
CA TYR A 179 22.24 11.55 -23.80
C TYR A 179 22.25 11.46 -25.31
N GLU A 180 21.51 12.34 -25.96
CA GLU A 180 21.44 12.36 -27.42
C GLU A 180 21.66 13.79 -27.90
N GLY A 181 22.10 13.95 -29.16
CA GLY A 181 22.39 15.26 -29.67
C GLY A 181 23.75 15.64 -29.13
N ASN A 182 24.18 16.89 -29.29
CA ASN A 182 25.48 17.29 -28.75
C ASN A 182 25.27 18.15 -27.54
N PHE A 183 26.32 18.27 -26.73
CA PHE A 183 26.23 19.11 -25.56
C PHE A 183 26.22 20.54 -26.07
N HIS A 184 25.87 21.45 -25.19
CA HIS A 184 25.85 22.87 -25.51
C HIS A 184 26.36 23.48 -24.24
N TYR A 185 27.59 23.93 -24.28
CA TYR A 185 28.21 24.49 -23.10
C TYR A 185 27.91 25.96 -22.84
N ILE A 186 28.13 26.34 -21.60
CA ILE A 186 27.92 27.70 -21.15
C ILE A 186 29.14 27.96 -20.26
N ASN A 187 29.56 29.22 -20.18
CA ASN A 187 30.71 29.52 -19.35
C ASN A 187 30.29 29.92 -17.97
N LEU A 188 31.03 29.45 -16.98
CA LEU A 188 30.74 29.78 -15.59
C LEU A 188 30.95 31.28 -15.44
N ILE A 189 30.03 31.95 -14.75
CA ILE A 189 30.19 33.38 -14.54
C ILE A 189 31.59 33.53 -13.96
N LYS A 190 31.78 32.97 -12.78
CA LYS A 190 33.06 33.02 -12.09
C LYS A 190 33.47 31.61 -11.68
N THR A 191 34.74 31.26 -11.83
CA THR A 191 35.20 29.92 -11.41
C THR A 191 35.13 29.86 -9.88
N GLY A 192 34.87 28.67 -9.35
CA GLY A 192 34.76 28.51 -7.93
C GLY A 192 33.32 28.22 -7.56
N VAL A 193 32.44 28.36 -8.55
CA VAL A 193 31.00 28.10 -8.38
C VAL A 193 30.39 27.57 -9.67
N TRP A 194 29.58 26.51 -9.55
CA TRP A 194 28.92 25.95 -10.71
C TRP A 194 27.67 26.79 -10.97
N GLN A 195 27.90 28.06 -11.31
CA GLN A 195 26.83 29.02 -11.58
C GLN A 195 27.09 29.65 -12.94
N ILE A 196 26.03 29.73 -13.76
CA ILE A 196 26.15 30.31 -15.08
C ILE A 196 25.14 31.42 -15.29
N GLN A 197 25.35 32.20 -16.35
CA GLN A 197 24.46 33.29 -16.69
C GLN A 197 23.25 32.72 -17.42
N MET A 198 22.06 33.03 -16.90
CA MET A 198 20.80 32.58 -17.47
C MET A 198 20.08 33.79 -18.07
N LYS A 199 19.94 33.82 -19.39
CA LYS A 199 19.32 34.95 -20.08
C LYS A 199 17.85 35.24 -19.80
N GLY A 200 17.08 34.23 -19.43
CA GLY A 200 15.68 34.48 -19.14
C GLY A 200 14.87 33.23 -18.86
N VAL A 201 13.71 33.40 -18.23
CA VAL A 201 12.85 32.27 -17.91
C VAL A 201 11.47 32.58 -18.48
N SER A 202 10.85 31.60 -19.13
CA SER A 202 9.53 31.82 -19.71
C SER A 202 8.50 30.78 -19.26
N VAL A 203 7.27 31.23 -19.05
CA VAL A 203 6.19 30.37 -18.62
C VAL A 203 5.13 30.43 -19.72
N GLY A 204 5.23 29.52 -20.69
CA GLY A 204 4.31 29.52 -21.81
C GLY A 204 4.92 30.47 -22.83
N SER A 205 4.09 31.21 -23.56
CA SER A 205 4.61 32.16 -24.53
C SER A 205 4.47 33.56 -23.94
N SER A 206 5.44 33.89 -23.09
CA SER A 206 5.51 35.19 -22.41
C SER A 206 6.63 35.15 -21.37
N THR A 207 7.83 35.56 -21.78
CA THR A 207 8.97 35.61 -20.87
C THR A 207 8.63 36.64 -19.81
N LEU A 208 7.93 36.19 -18.77
CA LEU A 208 7.53 37.09 -17.71
C LEU A 208 8.53 37.14 -16.56
N LEU A 209 9.59 36.34 -16.65
CA LEU A 209 10.59 36.29 -15.58
C LEU A 209 12.04 36.41 -16.02
N CYS A 210 12.90 36.72 -15.05
CA CYS A 210 14.34 36.88 -15.28
C CYS A 210 14.67 37.61 -16.57
N GLU A 211 13.91 38.64 -16.88
CA GLU A 211 14.19 39.46 -18.05
C GLU A 211 15.45 40.18 -17.61
N ASP A 212 16.10 40.89 -18.51
CA ASP A 212 17.32 41.61 -18.11
C ASP A 212 18.44 40.65 -17.66
N GLY A 213 18.10 39.37 -17.50
CA GLY A 213 19.11 38.39 -17.06
C GLY A 213 19.12 38.12 -15.57
N CYS A 214 19.71 37.00 -15.18
CA CYS A 214 19.79 36.61 -13.78
C CYS A 214 20.77 35.44 -13.64
N LEU A 215 20.91 34.91 -12.42
CA LEU A 215 21.84 33.79 -12.19
C LEU A 215 21.20 32.41 -12.07
N ALA A 216 21.93 31.40 -12.53
CA ALA A 216 21.49 30.02 -12.47
C ALA A 216 22.56 29.14 -11.85
N LEU A 217 22.24 28.56 -10.70
CA LEU A 217 23.16 27.68 -9.98
C LEU A 217 22.75 26.26 -10.40
N VAL A 218 23.70 25.49 -10.93
CA VAL A 218 23.40 24.12 -11.36
C VAL A 218 23.75 23.19 -10.20
N ASP A 219 22.76 22.93 -9.35
CA ASP A 219 22.96 22.14 -8.14
C ASP A 219 22.51 20.68 -8.17
N THR A 220 23.45 19.75 -8.28
CA THR A 220 23.10 18.32 -8.31
C THR A 220 22.58 17.83 -6.96
N GLY A 221 22.87 18.58 -5.91
CA GLY A 221 22.44 18.20 -4.59
C GLY A 221 21.12 18.79 -4.15
N ALA A 222 20.44 19.47 -5.07
CA ALA A 222 19.14 20.06 -4.77
C ALA A 222 18.04 19.30 -5.48
N SER A 223 16.93 19.06 -4.78
CA SER A 223 15.81 18.31 -5.35
C SER A 223 15.09 19.02 -6.48
N TYR A 224 14.69 20.27 -6.24
CA TYR A 224 13.93 20.99 -7.25
C TYR A 224 14.68 22.13 -7.89
N ILE A 225 13.97 22.84 -8.76
CA ILE A 225 14.51 24.01 -9.42
C ILE A 225 13.99 25.11 -8.49
N SER A 226 14.85 26.02 -8.06
CA SER A 226 14.42 27.08 -7.17
C SER A 226 14.68 28.48 -7.71
N GLY A 227 13.93 29.44 -7.19
CA GLY A 227 14.08 30.83 -7.58
C GLY A 227 13.88 31.69 -6.35
N SER A 228 14.18 32.99 -6.46
CA SER A 228 14.00 33.92 -5.35
C SER A 228 12.54 33.86 -4.94
N THR A 229 12.24 34.23 -3.70
CA THR A 229 10.85 34.19 -3.26
C THR A 229 10.02 35.01 -4.23
N SER A 230 10.56 36.13 -4.68
CA SER A 230 9.84 36.99 -5.62
C SER A 230 9.52 36.25 -6.91
N SER A 231 10.57 35.92 -7.66
CA SER A 231 10.44 35.23 -8.94
C SER A 231 9.42 34.08 -8.90
N ILE A 232 9.49 33.24 -7.87
CA ILE A 232 8.57 32.11 -7.78
C ILE A 232 7.13 32.54 -7.58
N GLU A 233 6.89 33.50 -6.69
CA GLU A 233 5.53 33.98 -6.44
C GLU A 233 4.91 34.44 -7.76
N LYS A 234 5.74 35.01 -8.62
CA LYS A 234 5.28 35.49 -9.91
C LYS A 234 5.12 34.35 -10.91
N LEU A 235 5.97 33.33 -10.79
CA LEU A 235 5.88 32.18 -11.69
C LEU A 235 4.66 31.35 -11.29
N MET A 236 4.53 31.14 -9.99
CA MET A 236 3.43 30.36 -9.44
C MET A 236 2.06 30.99 -9.65
N GLU A 237 1.98 32.32 -9.69
CA GLU A 237 0.67 32.93 -9.89
C GLU A 237 0.26 32.64 -11.33
N ALA A 238 1.23 32.64 -12.24
CA ALA A 238 0.99 32.39 -13.65
C ALA A 238 0.55 30.96 -13.94
N LEU A 239 0.77 30.07 -12.97
CA LEU A 239 0.39 28.67 -13.13
C LEU A 239 -0.89 28.38 -12.36
N GLY A 240 -1.36 29.37 -11.59
CA GLY A 240 -2.55 29.20 -10.80
C GLY A 240 -2.30 28.30 -9.60
N ALA A 241 -1.04 28.23 -9.20
CA ALA A 241 -0.67 27.40 -8.06
C ALA A 241 -0.85 28.12 -6.72
N LYS A 242 -1.18 27.33 -5.70
CA LYS A 242 -1.38 27.84 -4.34
C LYS A 242 -0.12 27.53 -3.56
N LYS A 243 0.25 28.46 -2.68
CA LYS A 243 1.46 28.28 -1.88
C LYS A 243 1.16 27.61 -0.55
N ARG A 244 1.72 26.43 -0.35
CA ARG A 244 1.55 25.71 0.89
C ARG A 244 2.72 26.13 1.78
N LEU A 245 3.00 25.32 2.79
CA LEU A 245 4.09 25.60 3.72
C LEU A 245 5.45 25.40 3.08
N PHE A 246 5.69 24.19 2.57
CA PHE A 246 6.96 23.82 1.98
C PHE A 246 6.99 23.74 0.46
N ASP A 247 5.81 23.73 -0.15
CA ASP A 247 5.77 23.63 -1.60
C ASP A 247 4.58 24.36 -2.20
N TYR A 248 4.42 24.21 -3.51
CA TYR A 248 3.31 24.82 -4.21
C TYR A 248 2.51 23.71 -4.85
N VAL A 249 1.21 23.70 -4.58
CA VAL A 249 0.35 22.67 -5.15
C VAL A 249 -0.53 23.31 -6.21
N VAL A 250 -1.17 22.45 -6.99
CA VAL A 250 -2.08 22.85 -8.05
C VAL A 250 -3.10 21.72 -7.99
N LYS A 251 -4.34 21.97 -8.38
CA LYS A 251 -5.33 20.89 -8.36
C LYS A 251 -4.82 19.85 -9.36
N CYS A 252 -4.72 18.60 -8.92
CA CYS A 252 -4.19 17.54 -9.79
C CYS A 252 -4.78 17.44 -11.19
N ASN A 253 -6.08 17.67 -11.34
CA ASN A 253 -6.69 17.57 -12.66
C ASN A 253 -6.15 18.66 -13.58
N GLU A 254 -5.61 19.71 -13.00
CA GLU A 254 -5.08 20.81 -13.78
C GLU A 254 -3.59 20.66 -14.07
N GLY A 255 -2.98 19.61 -13.56
CA GLY A 255 -1.56 19.40 -13.76
C GLY A 255 -1.10 19.06 -15.18
N PRO A 256 -1.78 18.13 -15.86
CA PRO A 256 -1.38 17.75 -17.21
C PRO A 256 -1.45 18.90 -18.21
N THR A 257 -2.34 19.84 -17.93
CA THR A 257 -2.56 20.99 -18.81
C THR A 257 -1.60 22.15 -18.62
N LEU A 258 -0.98 22.25 -17.45
CA LEU A 258 -0.05 23.35 -17.17
C LEU A 258 0.90 23.60 -18.34
N PRO A 259 1.28 24.85 -18.54
CA PRO A 259 2.18 25.28 -19.61
C PRO A 259 3.64 24.87 -19.42
N ASP A 260 4.42 25.03 -20.49
CA ASP A 260 5.84 24.72 -20.48
C ASP A 260 6.58 25.82 -19.74
N ILE A 261 7.75 25.48 -19.21
CA ILE A 261 8.58 26.45 -18.52
C ILE A 261 9.93 26.30 -19.20
N SER A 262 10.45 27.40 -19.73
CA SER A 262 11.72 27.36 -20.43
C SER A 262 12.77 28.20 -19.73
N PHE A 263 14.01 27.72 -19.78
CA PHE A 263 15.11 28.43 -19.17
C PHE A 263 16.09 28.74 -20.29
N HIS A 264 16.33 30.02 -20.51
CA HIS A 264 17.24 30.47 -21.56
C HIS A 264 18.70 30.46 -21.09
N LEU A 265 19.44 29.44 -21.46
CA LEU A 265 20.84 29.32 -21.07
C LEU A 265 21.74 29.28 -22.29
N GLY A 266 22.80 30.10 -22.26
CA GLY A 266 23.75 30.15 -23.36
C GLY A 266 23.18 30.13 -24.77
N GLY A 267 21.94 30.59 -24.94
CA GLY A 267 21.36 30.58 -26.26
C GLY A 267 20.93 29.17 -26.67
N LYS A 268 19.79 28.75 -26.12
CA LYS A 268 19.18 27.46 -26.38
C LYS A 268 18.13 27.37 -25.29
N GLU A 269 16.87 27.22 -25.67
CA GLU A 269 15.80 27.13 -24.70
C GLU A 269 15.68 25.72 -24.14
N TYR A 270 15.85 25.58 -22.83
CA TYR A 270 15.71 24.27 -22.21
C TYR A 270 14.27 24.19 -21.70
N THR A 271 13.43 23.48 -22.44
CA THR A 271 12.03 23.41 -22.09
C THR A 271 11.58 22.22 -21.25
N LEU A 272 10.80 22.52 -20.21
CA LEU A 272 10.27 21.50 -19.34
C LEU A 272 8.75 21.47 -19.52
N THR A 273 8.20 20.27 -19.68
CA THR A 273 6.77 20.13 -19.82
C THR A 273 6.14 19.94 -18.45
N SER A 274 4.85 20.18 -18.35
CA SER A 274 4.13 20.00 -17.09
C SER A 274 4.50 18.64 -16.49
N ALA A 275 4.58 17.63 -17.34
CA ALA A 275 4.93 16.29 -16.92
C ALA A 275 6.33 16.30 -16.29
N ASP A 276 7.19 17.19 -16.77
CA ASP A 276 8.55 17.32 -16.26
C ASP A 276 8.67 17.94 -14.87
N TYR A 277 7.74 18.83 -14.52
CA TYR A 277 7.82 19.51 -13.23
C TYR A 277 6.67 19.28 -12.24
N VAL A 278 5.73 18.42 -12.59
CA VAL A 278 4.63 18.18 -11.67
C VAL A 278 4.61 16.73 -11.20
N PHE A 279 4.34 16.53 -9.93
CA PHE A 279 4.26 15.17 -9.39
C PHE A 279 2.83 14.74 -9.58
N GLN A 280 2.49 14.44 -10.85
CA GLN A 280 1.16 14.00 -11.21
C GLN A 280 0.91 12.64 -10.57
N GLU A 281 0.37 12.63 -9.36
CA GLU A 281 0.09 11.38 -8.66
C GLU A 281 -1.38 11.08 -8.68
N SER A 282 -2.14 11.82 -9.48
CA SER A 282 -3.58 11.62 -9.53
C SER A 282 -4.15 12.60 -10.54
N TYR A 283 -5.43 12.47 -10.84
CA TYR A 283 -6.06 13.37 -11.78
C TYR A 283 -7.28 14.00 -11.12
N SER A 284 -7.51 13.62 -9.88
CA SER A 284 -8.65 14.13 -9.12
C SER A 284 -8.59 15.64 -8.92
N SER A 285 -9.76 16.28 -8.90
CA SER A 285 -9.84 17.72 -8.69
C SER A 285 -10.03 17.93 -7.20
N LYS A 286 -10.07 16.82 -6.46
CA LYS A 286 -10.26 16.84 -5.02
C LYS A 286 -8.93 16.51 -4.32
N LYS A 287 -7.84 16.54 -5.08
CA LYS A 287 -6.51 16.26 -4.54
C LYS A 287 -5.50 17.29 -5.00
N LEU A 288 -4.54 17.58 -4.13
CA LEU A 288 -3.51 18.56 -4.46
C LEU A 288 -2.27 17.86 -5.02
N CYS A 289 -1.60 18.52 -5.96
CA CYS A 289 -0.42 17.97 -6.59
C CYS A 289 0.78 18.91 -6.47
N THR A 290 1.83 18.43 -5.80
CA THR A 290 3.06 19.19 -5.58
C THR A 290 3.87 19.47 -6.82
N LEU A 291 4.35 20.71 -6.96
CA LEU A 291 5.17 21.05 -8.10
C LEU A 291 6.64 20.84 -7.72
N ALA A 292 7.46 20.48 -8.71
CA ALA A 292 8.87 20.23 -8.46
C ALA A 292 9.71 21.47 -8.57
N ILE A 293 9.11 22.62 -8.25
CA ILE A 293 9.81 23.90 -8.28
C ILE A 293 9.51 24.59 -6.96
N HIS A 294 10.53 25.11 -6.29
CA HIS A 294 10.31 25.77 -5.02
C HIS A 294 10.89 27.18 -4.96
N ALA A 295 10.64 27.84 -3.85
CA ALA A 295 11.15 29.17 -3.63
C ALA A 295 12.23 29.02 -2.58
N MET A 296 13.42 29.52 -2.88
CA MET A 296 14.55 29.42 -1.96
C MET A 296 15.48 30.62 -2.11
N ASP A 297 15.41 31.54 -1.16
CA ASP A 297 16.25 32.74 -1.23
C ASP A 297 17.70 32.45 -0.84
N ILE A 298 18.57 32.36 -1.83
CA ILE A 298 19.99 32.09 -1.62
C ILE A 298 20.76 33.40 -1.47
N PRO A 299 21.39 33.61 -0.30
CA PRO A 299 22.17 34.82 0.02
C PRO A 299 23.49 34.98 -0.72
N PRO A 300 24.09 36.18 -0.64
CA PRO A 300 25.37 36.51 -1.28
C PRO A 300 26.50 35.67 -0.69
N PRO A 301 27.61 35.51 -1.41
CA PRO A 301 27.89 36.07 -2.74
C PRO A 301 27.25 35.28 -3.89
N THR A 302 26.75 34.08 -3.58
CA THR A 302 26.15 33.22 -4.58
C THR A 302 24.82 33.76 -5.12
N GLY A 303 23.91 34.10 -4.20
CA GLY A 303 22.62 34.62 -4.63
C GLY A 303 22.52 36.13 -4.64
N PRO A 304 21.37 36.68 -5.06
CA PRO A 304 20.22 35.90 -5.51
C PRO A 304 20.51 35.12 -6.80
N THR A 305 20.01 33.89 -6.88
CA THR A 305 20.22 33.05 -8.05
C THR A 305 19.17 31.94 -8.12
N TRP A 306 18.89 31.45 -9.33
CA TRP A 306 17.96 30.35 -9.46
C TRP A 306 18.82 29.12 -9.20
N ALA A 307 18.19 28.00 -8.85
CA ALA A 307 18.97 26.80 -8.64
C ALA A 307 18.37 25.72 -9.52
N LEU A 308 19.16 25.17 -10.41
CA LEU A 308 18.69 24.12 -11.29
C LEU A 308 19.09 22.77 -10.69
N GLY A 309 18.17 22.17 -9.95
CA GLY A 309 18.45 20.89 -9.32
C GLY A 309 18.00 19.66 -10.07
N ALA A 310 17.63 18.62 -9.32
CA ALA A 310 17.20 17.37 -9.89
C ALA A 310 16.07 17.49 -10.93
N THR A 311 15.10 18.36 -10.68
CA THR A 311 14.00 18.50 -11.63
C THR A 311 14.51 18.84 -13.02
N PHE A 312 15.58 19.63 -13.10
CA PHE A 312 16.16 20.05 -14.37
C PHE A 312 17.12 19.02 -14.96
N ILE A 313 17.87 18.36 -14.09
CA ILE A 313 18.82 17.37 -14.53
C ILE A 313 18.18 16.07 -15.04
N ARG A 314 16.98 15.75 -14.60
CA ARG A 314 16.33 14.54 -15.06
C ARG A 314 16.09 14.63 -16.57
N LYS A 315 15.92 15.83 -17.08
CA LYS A 315 15.67 16.01 -18.49
C LYS A 315 16.91 16.36 -19.28
N PHE A 316 17.87 16.98 -18.61
CA PHE A 316 19.10 17.33 -19.29
C PHE A 316 20.36 16.78 -18.63
N TYR A 317 21.00 15.84 -19.32
CA TYR A 317 22.22 15.22 -18.87
C TYR A 317 23.23 16.36 -18.71
N THR A 318 23.83 16.49 -17.53
CA THR A 318 24.77 17.57 -17.30
C THR A 318 26.22 17.11 -17.11
N GLU A 319 27.13 17.86 -17.71
CA GLU A 319 28.55 17.58 -17.62
C GLU A 319 29.23 18.81 -17.02
N PHE A 320 30.05 18.58 -16.01
CA PHE A 320 30.76 19.67 -15.36
C PHE A 320 32.22 19.62 -15.80
N ASP A 321 32.62 20.66 -16.50
CA ASP A 321 33.98 20.75 -17.05
C ASP A 321 34.90 21.65 -16.23
N ARG A 322 35.76 21.04 -15.43
CA ARG A 322 36.69 21.78 -14.59
C ARG A 322 37.77 22.47 -15.40
N ARG A 323 38.26 21.80 -16.45
CA ARG A 323 39.33 22.36 -17.27
C ARG A 323 38.94 23.59 -18.07
N ASN A 324 37.69 23.65 -18.52
CA ASN A 324 37.25 24.79 -19.31
C ASN A 324 36.26 25.69 -18.56
N ASN A 325 36.05 25.41 -17.27
CA ASN A 325 35.12 26.20 -16.46
C ASN A 325 33.84 26.47 -17.24
N ARG A 326 33.16 25.39 -17.60
CA ARG A 326 31.93 25.46 -18.38
C ARG A 326 31.02 24.30 -18.02
N ILE A 327 29.73 24.49 -18.21
CA ILE A 327 28.76 23.46 -17.95
C ILE A 327 28.14 23.12 -19.29
N GLY A 328 27.88 21.84 -19.50
CA GLY A 328 27.28 21.41 -20.74
C GLY A 328 25.96 20.73 -20.47
N PHE A 329 25.04 20.84 -21.42
CA PHE A 329 23.74 20.23 -21.28
C PHE A 329 23.39 19.48 -22.55
N ALA A 330 22.81 18.31 -22.39
CA ALA A 330 22.39 17.51 -23.53
C ALA A 330 21.11 16.83 -23.13
N LEU A 331 20.28 16.49 -24.11
CA LEU A 331 19.01 15.82 -23.83
C LEU A 331 19.27 14.45 -23.18
N ALA A 332 18.71 14.24 -22.00
CA ALA A 332 18.92 12.99 -21.30
C ALA A 332 18.19 11.86 -22.02
N ARG A 333 18.86 10.71 -22.06
CA ARG A 333 18.35 9.53 -22.73
C ARG A 333 18.22 8.37 -21.73
N SER B 1 -14.30 -23.04 22.37
CA SER B 1 -13.19 -22.81 21.47
C SER B 1 -13.59 -21.76 20.44
N SER B 2 -12.79 -20.71 20.30
CA SER B 2 -13.12 -19.65 19.36
C SER B 2 -12.04 -19.35 18.32
N VAL B 3 -12.48 -18.98 17.12
CA VAL B 3 -11.54 -18.62 16.07
C VAL B 3 -11.91 -17.25 15.51
N ILE B 4 -10.91 -16.39 15.43
CA ILE B 4 -11.09 -15.04 14.92
C ILE B 4 -11.22 -15.06 13.40
N LEU B 5 -12.15 -14.27 12.88
CA LEU B 5 -12.39 -14.23 11.45
C LEU B 5 -11.98 -12.91 10.79
N THR B 6 -11.50 -13.02 9.57
CA THR B 6 -11.10 -11.87 8.77
C THR B 6 -12.34 -11.45 7.99
N ASN B 7 -12.62 -10.15 7.94
CA ASN B 7 -13.77 -9.66 7.20
C ASN B 7 -13.30 -9.01 5.90
N TYR B 8 -13.59 -9.64 4.78
CA TYR B 8 -13.21 -9.06 3.51
C TYR B 8 -14.39 -8.38 2.83
N MET B 9 -14.32 -7.05 2.73
CA MET B 9 -15.35 -6.25 2.07
C MET B 9 -16.80 -6.52 2.47
N ASP B 10 -17.00 -7.16 3.61
CA ASP B 10 -18.35 -7.46 4.10
C ASP B 10 -19.05 -8.56 3.32
N THR B 11 -18.34 -9.20 2.40
CA THR B 11 -18.97 -10.26 1.61
C THR B 11 -18.28 -11.59 1.79
N GLN B 12 -17.21 -11.60 2.57
CA GLN B 12 -16.47 -12.83 2.85
C GLN B 12 -15.96 -12.83 4.27
N TYR B 13 -16.31 -13.89 5.00
CA TYR B 13 -15.90 -14.06 6.39
C TYR B 13 -15.22 -15.42 6.52
N TYR B 14 -13.98 -15.42 7.01
CA TYR B 14 -13.23 -16.66 7.18
C TYR B 14 -12.17 -16.56 8.27
N GLY B 15 -11.76 -17.72 8.78
CA GLY B 15 -10.76 -17.80 9.82
C GLY B 15 -9.83 -18.95 9.50
N GLU B 16 -8.93 -19.31 10.42
CA GLU B 16 -7.98 -20.38 10.16
C GLU B 16 -8.27 -21.71 10.87
N ILE B 17 -7.91 -22.81 10.19
CA ILE B 17 -8.04 -24.15 10.78
C ILE B 17 -6.74 -24.88 10.41
N GLY B 18 -6.42 -25.93 11.17
CA GLY B 18 -5.21 -26.67 10.88
C GLY B 18 -5.50 -28.11 10.51
N ILE B 19 -4.90 -28.59 9.43
CA ILE B 19 -5.12 -29.96 9.00
C ILE B 19 -3.80 -30.72 8.90
N GLY B 20 -3.70 -31.83 9.63
CA GLY B 20 -2.50 -32.65 9.57
C GLY B 20 -1.51 -32.45 10.69
N THR B 21 -0.49 -33.32 10.70
CA THR B 21 0.58 -33.28 11.68
C THR B 21 1.91 -33.35 10.91
N PRO B 22 2.67 -32.25 10.89
CA PRO B 22 2.26 -31.00 11.57
C PRO B 22 1.12 -30.35 10.79
N PRO B 23 0.37 -29.46 11.45
CA PRO B 23 -0.76 -28.77 10.82
C PRO B 23 -0.43 -27.83 9.66
N GLN B 24 -1.22 -27.95 8.60
CA GLN B 24 -1.10 -27.08 7.42
C GLN B 24 -2.27 -26.10 7.60
N THR B 25 -1.95 -24.81 7.67
CA THR B 25 -2.96 -23.76 7.88
C THR B 25 -3.73 -23.30 6.63
N PHE B 26 -5.06 -23.30 6.73
CA PHE B 26 -5.94 -22.88 5.64
C PHE B 26 -6.90 -21.79 6.11
N LYS B 27 -7.44 -21.02 5.16
CA LYS B 27 -8.41 -19.98 5.49
C LYS B 27 -9.79 -20.53 5.08
N VAL B 28 -10.68 -20.75 6.05
CA VAL B 28 -11.98 -21.30 5.70
C VAL B 28 -13.17 -20.45 6.14
N VAL B 29 -14.28 -20.65 5.43
CA VAL B 29 -15.52 -19.97 5.77
C VAL B 29 -16.32 -20.99 6.57
N PHE B 30 -16.82 -20.57 7.72
CA PHE B 30 -17.61 -21.46 8.54
C PHE B 30 -19.05 -21.26 8.09
N ASP B 31 -19.52 -22.26 7.35
CA ASP B 31 -20.84 -22.30 6.71
C ASP B 31 -21.93 -23.13 7.41
N THR B 32 -23.00 -22.49 7.86
CA THR B 32 -24.06 -23.24 8.52
C THR B 32 -25.02 -23.75 7.47
N GLY B 33 -24.79 -23.34 6.22
CA GLY B 33 -25.64 -23.76 5.13
C GLY B 33 -25.08 -24.94 4.33
N SER B 34 -24.24 -25.74 4.97
CA SER B 34 -23.64 -26.93 4.36
C SER B 34 -23.00 -27.74 5.50
N SER B 35 -22.85 -29.04 5.28
CA SER B 35 -22.30 -29.92 6.32
C SER B 35 -20.98 -30.60 5.98
N ASN B 36 -20.34 -30.18 4.90
CA ASN B 36 -19.08 -30.78 4.52
C ASN B 36 -17.87 -29.87 4.71
N VAL B 37 -16.72 -30.47 5.00
CA VAL B 37 -15.48 -29.73 5.18
C VAL B 37 -14.58 -30.09 4.01
N TRP B 38 -13.98 -29.08 3.39
CA TRP B 38 -13.09 -29.32 2.27
C TRP B 38 -12.09 -28.18 2.07
N VAL B 39 -10.95 -28.53 1.47
CA VAL B 39 -9.88 -27.57 1.19
C VAL B 39 -9.31 -27.95 -0.16
N PRO B 40 -8.55 -27.03 -0.79
CA PRO B 40 -7.93 -27.29 -2.09
C PRO B 40 -6.79 -28.30 -1.93
N SER B 41 -6.83 -29.39 -2.69
CA SER B 41 -5.80 -30.41 -2.59
C SER B 41 -4.57 -30.12 -3.47
N SER B 42 -3.42 -30.66 -3.07
CA SER B 42 -2.20 -30.47 -3.84
C SER B 42 -2.29 -31.31 -5.09
N LYS B 43 -3.06 -32.38 -5.01
CA LYS B 43 -3.27 -33.28 -6.15
C LYS B 43 -4.17 -32.59 -7.18
N CYS B 44 -4.30 -31.27 -7.05
CA CYS B 44 -5.11 -30.49 -7.97
C CYS B 44 -4.16 -29.81 -8.97
N SER B 45 -4.39 -30.06 -10.25
CA SER B 45 -3.55 -29.51 -11.33
C SER B 45 -3.39 -27.99 -11.27
N ARG B 46 -2.61 -27.45 -12.20
CA ARG B 46 -2.37 -26.02 -12.27
C ARG B 46 -3.25 -25.38 -13.34
N LEU B 47 -4.06 -26.20 -13.99
CA LEU B 47 -4.97 -25.72 -15.04
C LEU B 47 -5.93 -24.71 -14.41
N TYR B 48 -6.68 -25.16 -13.41
CA TYR B 48 -7.63 -24.31 -12.71
C TYR B 48 -6.84 -23.21 -12.01
N THR B 49 -7.02 -21.97 -12.46
CA THR B 49 -6.32 -20.84 -11.87
C THR B 49 -6.58 -20.80 -10.36
N ALA B 50 -7.65 -21.47 -9.94
CA ALA B 50 -8.05 -21.52 -8.54
C ALA B 50 -7.04 -22.23 -7.64
N CYS B 51 -6.64 -23.45 -8.00
CA CYS B 51 -5.68 -24.20 -7.19
C CYS B 51 -4.29 -23.58 -7.14
N VAL B 52 -3.99 -22.71 -8.09
CA VAL B 52 -2.68 -22.06 -8.13
C VAL B 52 -2.66 -20.87 -7.19
N TYR B 53 -3.82 -20.25 -6.99
CA TYR B 53 -3.95 -19.09 -6.12
C TYR B 53 -4.34 -19.39 -4.68
N HIS B 54 -4.58 -20.66 -4.36
CA HIS B 54 -4.98 -21.06 -3.01
C HIS B 54 -4.05 -22.10 -2.40
N LYS B 55 -3.94 -22.06 -1.08
CA LYS B 55 -3.10 -23.00 -0.36
C LYS B 55 -3.64 -24.42 -0.60
N LEU B 56 -2.73 -25.38 -0.69
CA LEU B 56 -3.11 -26.77 -0.95
C LEU B 56 -2.71 -27.71 0.18
N PHE B 57 -3.41 -28.84 0.26
CA PHE B 57 -3.13 -29.83 1.30
C PHE B 57 -2.28 -30.96 0.72
N ASP B 58 -1.17 -31.24 1.41
CA ASP B 58 -0.26 -32.30 0.99
C ASP B 58 -0.36 -33.44 2.00
N ALA B 59 -1.13 -34.46 1.65
CA ALA B 59 -1.32 -35.63 2.52
C ALA B 59 -0.01 -36.31 2.89
N SER B 60 0.96 -36.23 1.99
CA SER B 60 2.26 -36.85 2.21
C SER B 60 3.11 -36.07 3.23
N ASP B 61 2.48 -35.09 3.88
CA ASP B 61 3.19 -34.27 4.86
C ASP B 61 2.50 -34.34 6.22
N SER B 62 1.76 -35.40 6.45
CA SER B 62 1.05 -35.55 7.70
C SER B 62 1.19 -36.97 8.23
N SER B 63 1.75 -37.12 9.42
CA SER B 63 1.93 -38.43 10.02
C SER B 63 0.58 -38.96 10.50
N SER B 64 -0.45 -38.12 10.37
CA SER B 64 -1.79 -38.50 10.81
C SER B 64 -2.81 -38.67 9.68
N TYR B 65 -2.38 -38.49 8.43
CA TYR B 65 -3.27 -38.66 7.29
C TYR B 65 -3.55 -40.13 7.06
N LYS B 66 -4.83 -40.47 6.90
CA LYS B 66 -5.24 -41.85 6.67
C LYS B 66 -6.05 -41.90 5.39
N HIS B 67 -5.49 -42.54 4.37
CA HIS B 67 -6.14 -42.66 3.07
C HIS B 67 -7.61 -43.08 3.04
N ASN B 68 -8.26 -42.65 1.97
CA ASN B 68 -9.67 -42.93 1.65
C ASN B 68 -9.87 -42.18 0.34
N GLY B 69 -10.38 -42.84 -0.68
CA GLY B 69 -10.55 -42.16 -1.95
C GLY B 69 -11.96 -41.87 -2.40
N THR B 70 -12.96 -42.22 -1.58
CA THR B 70 -14.35 -42.00 -1.94
C THR B 70 -14.51 -40.68 -2.71
N GLU B 71 -15.27 -40.72 -3.79
CA GLU B 71 -15.46 -39.54 -4.62
C GLU B 71 -16.70 -38.74 -4.24
N LEU B 72 -16.55 -37.41 -4.21
CA LEU B 72 -17.68 -36.54 -3.88
C LEU B 72 -17.70 -35.23 -4.65
N THR B 73 -18.92 -34.69 -4.82
CA THR B 73 -19.15 -33.44 -5.52
C THR B 73 -20.01 -32.54 -4.63
N LEU B 74 -19.49 -31.35 -4.32
CA LEU B 74 -20.22 -30.41 -3.47
C LEU B 74 -20.79 -29.24 -4.27
N ARG B 75 -22.12 -29.12 -4.28
CA ARG B 75 -22.81 -28.07 -5.02
C ARG B 75 -23.30 -26.91 -4.15
N TYR B 76 -22.92 -25.70 -4.52
CA TYR B 76 -23.33 -24.52 -3.77
C TYR B 76 -24.18 -23.60 -4.65
N SER B 77 -24.78 -22.60 -4.02
CA SER B 77 -25.62 -21.64 -4.72
C SER B 77 -24.85 -20.86 -5.78
N THR B 78 -23.55 -20.67 -5.54
CA THR B 78 -22.75 -19.88 -6.48
C THR B 78 -21.58 -20.60 -7.17
N GLY B 79 -21.46 -21.92 -6.98
CA GLY B 79 -20.38 -22.66 -7.61
C GLY B 79 -20.35 -24.13 -7.21
N THR B 80 -19.47 -24.91 -7.84
CA THR B 80 -19.36 -26.35 -7.53
C THR B 80 -17.92 -26.86 -7.48
N VAL B 81 -17.68 -27.87 -6.62
CA VAL B 81 -16.36 -28.47 -6.47
C VAL B 81 -16.45 -29.98 -6.26
N SER B 82 -15.40 -30.70 -6.67
CA SER B 82 -15.33 -32.16 -6.52
C SER B 82 -13.96 -32.60 -6.02
N GLY B 83 -13.88 -33.84 -5.54
CA GLY B 83 -12.63 -34.34 -5.04
C GLY B 83 -12.79 -35.69 -4.36
N PHE B 84 -11.97 -35.95 -3.34
CA PHE B 84 -12.04 -37.23 -2.64
C PHE B 84 -11.87 -37.12 -1.12
N LEU B 85 -12.60 -37.97 -0.40
CA LEU B 85 -12.52 -37.98 1.06
C LEU B 85 -11.11 -38.28 1.53
N SER B 86 -10.83 -37.92 2.78
CA SER B 86 -9.54 -38.13 3.41
C SER B 86 -9.79 -37.95 4.88
N GLN B 87 -8.91 -38.47 5.71
CA GLN B 87 -9.07 -38.33 7.14
C GLN B 87 -7.80 -37.85 7.82
N ASP B 88 -7.90 -36.76 8.56
CA ASP B 88 -6.74 -36.23 9.26
C ASP B 88 -7.23 -35.48 10.51
N ILE B 89 -6.32 -35.11 11.40
CA ILE B 89 -6.73 -34.38 12.60
C ILE B 89 -6.77 -32.90 12.21
N ILE B 90 -7.83 -32.22 12.64
CA ILE B 90 -8.02 -30.80 12.32
C ILE B 90 -7.94 -29.92 13.56
N THR B 91 -7.20 -28.83 13.46
CA THR B 91 -7.06 -27.89 14.57
C THR B 91 -8.07 -26.74 14.39
N VAL B 92 -9.03 -26.64 15.29
CA VAL B 92 -10.01 -25.56 15.22
C VAL B 92 -9.84 -24.72 16.47
N GLY B 93 -8.85 -23.84 16.43
CA GLY B 93 -8.58 -22.95 17.54
C GLY B 93 -8.63 -23.59 18.91
N GLY B 94 -7.57 -24.29 19.31
CA GLY B 94 -7.57 -24.90 20.62
C GLY B 94 -8.13 -26.31 20.67
N ILE B 95 -8.91 -26.67 19.65
CA ILE B 95 -9.49 -28.01 19.61
C ILE B 95 -8.95 -28.81 18.43
N THR B 96 -8.75 -30.11 18.66
CA THR B 96 -8.27 -31.01 17.62
C THR B 96 -9.26 -32.17 17.53
N VAL B 97 -9.72 -32.46 16.31
CA VAL B 97 -10.67 -33.53 16.11
C VAL B 97 -10.37 -34.25 14.80
N THR B 98 -10.28 -35.58 14.87
CA THR B 98 -10.01 -36.37 13.67
C THR B 98 -11.26 -36.25 12.79
N GLN B 99 -11.09 -35.65 11.61
CA GLN B 99 -12.20 -35.40 10.71
C GLN B 99 -12.03 -35.86 9.27
N MET B 100 -13.13 -36.32 8.68
CA MET B 100 -13.15 -36.76 7.27
C MET B 100 -13.51 -35.52 6.47
N PHE B 101 -12.60 -35.05 5.65
CA PHE B 101 -12.85 -33.87 4.82
C PHE B 101 -12.65 -34.22 3.37
N GLY B 102 -12.91 -33.26 2.50
CA GLY B 102 -12.74 -33.51 1.09
C GLY B 102 -11.53 -32.81 0.51
N GLU B 103 -10.76 -33.54 -0.30
CA GLU B 103 -9.62 -32.97 -0.96
C GLU B 103 -10.16 -32.57 -2.32
N VAL B 104 -10.39 -31.28 -2.50
CA VAL B 104 -10.92 -30.78 -3.74
C VAL B 104 -9.89 -30.81 -4.84
N THR B 105 -10.24 -31.40 -5.98
CA THR B 105 -9.34 -31.49 -7.12
C THR B 105 -9.91 -30.78 -8.36
N GLU B 106 -11.03 -30.10 -8.16
CA GLU B 106 -11.69 -29.35 -9.22
C GLU B 106 -12.22 -28.04 -8.64
N MET B 107 -11.50 -26.94 -8.88
CA MET B 107 -11.90 -25.64 -8.35
C MET B 107 -12.12 -24.64 -9.49
N PRO B 108 -13.33 -24.59 -10.05
CA PRO B 108 -13.72 -23.71 -11.15
C PRO B 108 -13.30 -22.26 -10.96
N ALA B 109 -12.52 -21.73 -11.91
CA ALA B 109 -12.05 -20.34 -11.85
C ALA B 109 -13.17 -19.50 -11.28
N LEU B 110 -14.28 -19.43 -12.00
CA LEU B 110 -15.45 -18.68 -11.54
C LEU B 110 -16.22 -19.69 -10.70
N PRO B 111 -16.51 -19.37 -9.44
CA PRO B 111 -16.18 -18.13 -8.72
C PRO B 111 -14.94 -18.21 -7.82
N PHE B 112 -14.50 -19.43 -7.53
CA PHE B 112 -13.36 -19.64 -6.65
C PHE B 112 -12.05 -18.95 -7.01
N MET B 113 -12.12 -17.94 -7.86
CA MET B 113 -10.94 -17.19 -8.26
C MET B 113 -11.09 -15.87 -7.53
N LEU B 114 -12.18 -15.74 -6.80
CA LEU B 114 -12.48 -14.53 -6.05
C LEU B 114 -12.51 -14.84 -4.57
N ALA B 115 -12.52 -16.13 -4.24
CA ALA B 115 -12.56 -16.57 -2.86
C ALA B 115 -11.30 -16.24 -2.09
N GLU B 116 -11.35 -15.24 -1.24
CA GLU B 116 -10.19 -14.87 -0.45
C GLU B 116 -9.86 -16.04 0.47
N PHE B 117 -10.78 -17.00 0.54
CA PHE B 117 -10.61 -18.18 1.38
C PHE B 117 -10.20 -19.41 0.59
N ASP B 118 -9.62 -20.38 1.30
CA ASP B 118 -9.16 -21.61 0.69
C ASP B 118 -10.27 -22.64 0.65
N GLY B 119 -10.74 -23.02 1.82
CA GLY B 119 -11.80 -24.02 1.90
C GLY B 119 -13.05 -23.64 2.68
N VAL B 120 -13.87 -24.66 2.94
CA VAL B 120 -15.14 -24.49 3.65
C VAL B 120 -15.31 -25.50 4.77
N VAL B 121 -15.87 -25.07 5.90
CA VAL B 121 -16.14 -25.96 7.01
C VAL B 121 -17.64 -25.94 7.28
N GLY B 122 -18.33 -26.99 6.86
CA GLY B 122 -19.76 -27.09 7.04
C GLY B 122 -20.16 -27.22 8.49
N MET B 123 -21.08 -26.36 8.91
CA MET B 123 -21.59 -26.37 10.27
C MET B 123 -23.01 -26.89 10.27
N GLY B 124 -23.47 -27.36 9.11
CA GLY B 124 -24.82 -27.88 9.00
C GLY B 124 -24.99 -29.27 9.62
N PHE B 125 -26.22 -29.77 9.59
CA PHE B 125 -26.52 -31.09 10.16
C PHE B 125 -26.06 -32.21 9.24
N ILE B 126 -25.87 -33.40 9.82
CA ILE B 126 -25.44 -34.57 9.06
C ILE B 126 -26.44 -34.91 7.95
N GLU B 127 -27.72 -34.70 8.21
CA GLU B 127 -28.73 -34.99 7.20
C GLU B 127 -28.38 -34.35 5.86
N GLN B 128 -27.73 -33.20 5.91
CA GLN B 128 -27.36 -32.47 4.68
C GLN B 128 -25.97 -32.89 4.19
N ALA B 129 -25.20 -33.53 5.06
CA ALA B 129 -23.85 -33.94 4.70
C ALA B 129 -23.86 -34.85 3.48
N ILE B 130 -23.07 -34.49 2.48
CA ILE B 130 -22.96 -35.27 1.27
C ILE B 130 -21.95 -36.39 1.46
N GLY B 131 -22.28 -37.58 0.96
CA GLY B 131 -21.40 -38.72 1.14
C GLY B 131 -21.54 -39.21 2.56
N ARG B 132 -22.68 -38.85 3.16
CA ARG B 132 -23.02 -39.22 4.54
C ARG B 132 -21.84 -39.14 5.52
N VAL B 133 -20.99 -38.13 5.31
CA VAL B 133 -19.82 -37.93 6.16
C VAL B 133 -20.19 -37.14 7.42
N THR B 134 -19.84 -37.68 8.57
CA THR B 134 -20.12 -37.02 9.84
C THR B 134 -19.47 -35.64 9.90
N PRO B 135 -20.28 -34.58 10.06
CA PRO B 135 -19.84 -33.18 10.14
C PRO B 135 -18.85 -32.89 11.26
N ILE B 136 -17.99 -31.89 11.03
CA ILE B 136 -16.96 -31.50 11.99
C ILE B 136 -17.49 -31.26 13.40
N PHE B 137 -18.65 -30.61 13.51
CA PHE B 137 -19.18 -30.30 14.83
C PHE B 137 -19.70 -31.52 15.58
N ASP B 138 -20.31 -32.44 14.86
CA ASP B 138 -20.81 -33.63 15.49
C ASP B 138 -19.68 -34.40 16.17
N ASN B 139 -18.56 -34.55 15.46
CA ASN B 139 -17.40 -35.25 16.01
C ASN B 139 -16.90 -34.57 17.26
N ILE B 140 -16.78 -33.25 17.21
CA ILE B 140 -16.29 -32.48 18.35
C ILE B 140 -17.25 -32.65 19.53
N ILE B 141 -18.55 -32.71 19.25
CA ILE B 141 -19.53 -32.89 20.29
C ILE B 141 -19.32 -34.27 20.89
N SER B 142 -18.87 -35.20 20.05
CA SER B 142 -18.63 -36.56 20.48
C SER B 142 -17.52 -36.65 21.50
N GLN B 143 -16.53 -35.76 21.44
CA GLN B 143 -15.45 -35.82 22.42
C GLN B 143 -15.84 -35.24 23.78
N GLY B 144 -17.09 -34.80 23.87
CA GLY B 144 -17.61 -34.25 25.12
C GLY B 144 -16.72 -33.34 25.92
N VAL B 145 -16.30 -32.22 25.34
CA VAL B 145 -15.45 -31.28 26.04
C VAL B 145 -16.07 -29.88 26.03
N LEU B 146 -16.96 -29.66 25.06
CA LEU B 146 -17.65 -28.39 24.90
C LEU B 146 -18.60 -28.10 26.05
N LYS B 147 -18.60 -26.87 26.53
CA LYS B 147 -19.46 -26.45 27.63
C LYS B 147 -20.94 -26.55 27.26
N GLU B 148 -21.26 -26.37 25.99
CA GLU B 148 -22.64 -26.46 25.53
C GLU B 148 -22.70 -26.96 24.09
N ASP B 149 -23.79 -27.64 23.76
CA ASP B 149 -23.98 -28.17 22.43
C ASP B 149 -24.38 -27.08 21.43
N VAL B 150 -23.61 -26.00 21.38
CA VAL B 150 -23.93 -24.92 20.47
C VAL B 150 -22.70 -24.18 19.99
N PHE B 151 -22.89 -23.34 18.96
CA PHE B 151 -21.81 -22.51 18.42
C PHE B 151 -22.40 -21.18 17.96
N SER B 152 -21.63 -20.11 18.14
CA SER B 152 -22.10 -18.79 17.78
C SER B 152 -21.27 -18.08 16.73
N PHE B 153 -21.91 -17.13 16.03
CA PHE B 153 -21.26 -16.36 15.01
C PHE B 153 -21.40 -14.88 15.27
N TYR B 154 -20.33 -14.14 15.01
CA TYR B 154 -20.30 -12.70 15.15
C TYR B 154 -19.60 -12.13 13.93
N TYR B 155 -20.32 -11.36 13.12
CA TYR B 155 -19.72 -10.75 11.95
C TYR B 155 -19.67 -9.26 12.24
N ASN B 156 -18.51 -8.68 12.00
CA ASN B 156 -18.31 -7.27 12.23
C ASN B 156 -18.58 -6.51 10.93
N ARG B 157 -18.66 -5.20 11.04
CA ARG B 157 -18.92 -4.34 9.89
C ARG B 157 -17.56 -3.85 9.42
N ASP B 158 -17.33 -3.88 8.10
CA ASP B 158 -16.04 -3.46 7.55
C ASP B 158 -15.62 -2.05 7.94
N SER B 159 -14.32 -1.86 8.15
CA SER B 159 -13.80 -0.57 8.56
C SER B 159 -12.40 -0.27 7.99
N GLU B 160 -12.24 0.96 7.48
CA GLU B 160 -10.97 1.39 6.91
C GLU B 160 -10.03 2.00 7.96
N ASN B 161 -10.58 2.70 8.94
CA ASN B 161 -9.77 3.34 9.98
C ASN B 161 -9.61 2.52 11.25
N SER B 162 -9.56 1.20 11.11
CA SER B 162 -9.39 0.31 12.24
C SER B 162 -8.95 -1.10 11.83
N GLN B 163 -7.87 -1.57 12.43
CA GLN B 163 -7.36 -2.91 12.15
C GLN B 163 -8.11 -3.81 13.13
N SER B 164 -9.42 -3.63 13.13
CA SER B 164 -10.31 -4.34 14.03
C SER B 164 -10.57 -5.81 13.72
N LEU B 165 -11.29 -6.44 14.64
CA LEU B 165 -11.67 -7.84 14.56
C LEU B 165 -12.68 -8.02 13.43
N GLY B 166 -12.38 -8.91 12.48
CA GLY B 166 -13.28 -9.12 11.37
C GLY B 166 -14.52 -9.93 11.70
N GLY B 167 -14.40 -10.78 12.71
CA GLY B 167 -15.51 -11.61 13.12
C GLY B 167 -15.00 -12.67 14.09
N GLN B 168 -15.93 -13.42 14.68
CA GLN B 168 -15.55 -14.47 15.61
C GLN B 168 -16.62 -15.55 15.69
N ILE B 169 -16.18 -16.79 15.69
CA ILE B 169 -17.10 -17.91 15.83
C ILE B 169 -16.69 -18.56 17.13
N VAL B 170 -17.66 -18.90 17.98
CA VAL B 170 -17.36 -19.53 19.25
C VAL B 170 -18.03 -20.88 19.40
N LEU B 171 -17.21 -21.94 19.39
CA LEU B 171 -17.72 -23.30 19.54
C LEU B 171 -17.98 -23.59 21.02
N GLY B 172 -19.16 -24.13 21.32
CA GLY B 172 -19.51 -24.47 22.69
C GLY B 172 -20.07 -23.35 23.54
N GLY B 173 -20.27 -22.19 22.94
CA GLY B 173 -20.83 -21.07 23.68
C GLY B 173 -20.97 -19.80 22.89
N SER B 174 -21.00 -18.67 23.59
CA SER B 174 -21.13 -17.37 22.97
C SER B 174 -20.21 -16.41 23.70
N ASP B 175 -19.99 -15.24 23.12
CA ASP B 175 -19.13 -14.24 23.72
C ASP B 175 -19.99 -13.00 24.02
N PRO B 176 -20.33 -12.79 25.29
CA PRO B 176 -21.16 -11.64 25.69
C PRO B 176 -20.59 -10.30 25.22
N GLN B 177 -19.28 -10.25 25.00
CA GLN B 177 -18.59 -9.04 24.54
C GLN B 177 -19.08 -8.54 23.18
N HIS B 178 -19.73 -9.42 22.41
CA HIS B 178 -20.21 -9.01 21.10
C HIS B 178 -21.72 -8.91 20.85
N TYR B 179 -22.52 -9.11 21.91
CA TYR B 179 -23.95 -8.92 21.77
C TYR B 179 -24.47 -8.22 23.01
N GLU B 180 -25.66 -7.63 22.93
CA GLU B 180 -26.23 -6.94 24.07
C GLU B 180 -27.46 -7.71 24.53
N GLY B 181 -27.72 -7.67 25.84
CA GLY B 181 -28.88 -8.33 26.39
C GLY B 181 -28.87 -9.84 26.39
N ASN B 182 -30.05 -10.43 26.23
CA ASN B 182 -30.18 -11.88 26.21
C ASN B 182 -30.73 -12.37 24.89
N PHE B 183 -30.53 -13.66 24.63
CA PHE B 183 -31.00 -14.28 23.42
C PHE B 183 -32.49 -14.61 23.50
N HIS B 184 -33.12 -14.64 22.34
CA HIS B 184 -34.51 -15.06 22.21
C HIS B 184 -34.34 -16.13 21.14
N TYR B 185 -35.00 -17.27 21.27
CA TYR B 185 -34.81 -18.32 20.29
C TYR B 185 -35.99 -18.57 19.41
N ILE B 186 -35.70 -19.12 18.24
CA ILE B 186 -36.70 -19.50 17.26
C ILE B 186 -36.40 -20.97 17.00
N ASN B 187 -37.38 -21.84 17.18
CA ASN B 187 -37.16 -23.25 16.95
C ASN B 187 -37.10 -23.57 15.48
N LEU B 188 -36.37 -24.62 15.13
CA LEU B 188 -36.21 -25.04 13.74
C LEU B 188 -37.47 -25.75 13.29
N ILE B 189 -37.75 -25.70 11.99
CA ILE B 189 -38.92 -26.38 11.46
C ILE B 189 -38.70 -27.88 11.70
N LYS B 190 -37.45 -28.32 11.53
CA LYS B 190 -37.10 -29.70 11.73
C LYS B 190 -35.59 -29.83 11.76
N THR B 191 -35.09 -30.83 12.46
CA THR B 191 -33.65 -31.08 12.53
C THR B 191 -33.13 -31.27 11.10
N GLY B 192 -31.83 -31.07 10.91
CA GLY B 192 -31.28 -31.26 9.60
C GLY B 192 -30.92 -29.98 8.87
N VAL B 193 -31.67 -28.91 9.11
CA VAL B 193 -31.39 -27.64 8.44
C VAL B 193 -31.53 -26.46 9.39
N TRP B 194 -30.61 -25.51 9.29
CA TRP B 194 -30.67 -24.32 10.14
C TRP B 194 -31.63 -23.37 9.47
N GLN B 195 -32.88 -23.83 9.40
CA GLN B 195 -33.94 -23.08 8.75
C GLN B 195 -35.14 -22.95 9.67
N ILE B 196 -35.64 -21.73 9.82
CA ILE B 196 -36.79 -21.50 10.68
C ILE B 196 -37.98 -20.93 9.90
N GLN B 197 -39.10 -20.79 10.60
CA GLN B 197 -40.33 -20.24 10.03
C GLN B 197 -40.31 -18.73 10.17
N MET B 198 -40.80 -18.04 9.16
CA MET B 198 -40.86 -16.58 9.18
C MET B 198 -42.33 -16.21 8.98
N LYS B 199 -42.86 -15.38 9.87
CA LYS B 199 -44.27 -14.98 9.75
C LYS B 199 -44.47 -13.59 9.16
N GLY B 200 -43.65 -13.24 8.17
CA GLY B 200 -43.79 -11.95 7.52
C GLY B 200 -42.59 -11.03 7.44
N VAL B 201 -42.46 -10.34 6.31
CA VAL B 201 -41.37 -9.37 6.08
C VAL B 201 -42.01 -7.98 5.97
N SER B 202 -41.52 -7.03 6.75
CA SER B 202 -42.08 -5.68 6.73
C SER B 202 -41.17 -4.60 6.17
N VAL B 203 -41.71 -3.79 5.28
CA VAL B 203 -40.97 -2.68 4.70
C VAL B 203 -41.64 -1.41 5.24
N GLY B 204 -41.01 -0.82 6.25
CA GLY B 204 -41.57 0.36 6.86
C GLY B 204 -42.39 -0.08 8.05
N SER B 205 -43.66 -0.39 7.81
CA SER B 205 -44.55 -0.82 8.90
C SER B 205 -45.68 -1.71 8.38
N SER B 206 -45.60 -2.06 7.10
CA SER B 206 -46.62 -2.92 6.49
C SER B 206 -46.02 -4.24 6.02
N THR B 207 -46.62 -5.36 6.42
CA THR B 207 -46.15 -6.67 6.01
C THR B 207 -46.62 -6.95 4.59
N LEU B 208 -45.86 -6.46 3.61
CA LEU B 208 -46.22 -6.66 2.22
C LEU B 208 -45.41 -7.80 1.61
N LEU B 209 -44.85 -8.65 2.46
CA LEU B 209 -44.07 -9.78 1.99
C LEU B 209 -44.17 -10.97 2.93
N CYS B 210 -44.20 -12.17 2.36
CA CYS B 210 -44.27 -13.39 3.16
C CYS B 210 -45.45 -13.27 4.15
N GLU B 211 -46.55 -12.73 3.67
CA GLU B 211 -47.74 -12.52 4.49
C GLU B 211 -48.33 -13.78 5.09
N ASP B 212 -48.31 -14.87 4.33
CA ASP B 212 -48.85 -16.14 4.79
C ASP B 212 -47.75 -17.12 5.19
N GLY B 213 -46.67 -16.58 5.77
CA GLY B 213 -45.56 -17.42 6.18
C GLY B 213 -44.63 -17.83 5.04
N CYS B 214 -43.38 -18.07 5.39
CA CYS B 214 -42.38 -18.49 4.41
C CYS B 214 -41.21 -19.06 5.19
N LEU B 215 -40.15 -19.46 4.50
CA LEU B 215 -39.01 -20.05 5.19
C LEU B 215 -37.79 -19.15 5.25
N ALA B 216 -36.95 -19.38 6.25
CA ALA B 216 -35.74 -18.60 6.43
C ALA B 216 -34.58 -19.48 6.87
N LEU B 217 -33.53 -19.49 6.06
CA LEU B 217 -32.32 -20.25 6.33
C LEU B 217 -31.36 -19.27 6.99
N VAL B 218 -30.77 -19.65 8.13
CA VAL B 218 -29.79 -18.75 8.75
C VAL B 218 -28.45 -19.25 8.20
N ASP B 219 -28.00 -18.62 7.12
CA ASP B 219 -26.79 -19.03 6.43
C ASP B 219 -25.56 -18.16 6.68
N THR B 220 -24.65 -18.65 7.50
CA THR B 220 -23.43 -17.90 7.81
C THR B 220 -22.52 -17.87 6.59
N GLY B 221 -22.73 -18.82 5.69
CA GLY B 221 -21.93 -18.91 4.48
C GLY B 221 -22.48 -18.07 3.33
N ALA B 222 -23.48 -17.25 3.60
CA ALA B 222 -24.08 -16.38 2.58
C ALA B 222 -23.74 -14.90 2.80
N SER B 223 -23.21 -14.26 1.76
CA SER B 223 -22.82 -12.87 1.86
C SER B 223 -23.98 -11.94 2.20
N TYR B 224 -25.13 -12.17 1.57
CA TYR B 224 -26.27 -11.29 1.81
C TYR B 224 -27.50 -11.93 2.39
N ILE B 225 -28.58 -11.15 2.33
CA ILE B 225 -29.90 -11.57 2.76
C ILE B 225 -30.52 -11.83 1.41
N SER B 226 -31.10 -13.01 1.22
CA SER B 226 -31.72 -13.28 -0.06
C SER B 226 -33.15 -13.79 0.02
N GLY B 227 -33.88 -13.63 -1.06
CA GLY B 227 -35.25 -14.10 -1.11
C GLY B 227 -35.42 -14.67 -2.49
N SER B 228 -36.65 -14.95 -2.88
CA SER B 228 -36.91 -15.47 -4.21
C SER B 228 -36.89 -14.27 -5.15
N THR B 229 -36.63 -14.51 -6.42
CA THR B 229 -36.59 -13.44 -7.40
C THR B 229 -37.84 -12.57 -7.33
N SER B 230 -39.01 -13.21 -7.24
CA SER B 230 -40.25 -12.44 -7.16
C SER B 230 -40.31 -11.63 -5.88
N SER B 231 -39.91 -12.24 -4.76
CA SER B 231 -39.91 -11.55 -3.47
C SER B 231 -39.04 -10.31 -3.50
N ILE B 232 -37.80 -10.46 -3.95
CA ILE B 232 -36.89 -9.32 -4.01
C ILE B 232 -37.42 -8.22 -4.92
N GLU B 233 -38.07 -8.60 -6.03
CA GLU B 233 -38.62 -7.62 -6.95
C GLU B 233 -39.65 -6.72 -6.29
N LYS B 234 -40.57 -7.33 -5.55
CA LYS B 234 -41.61 -6.58 -4.84
C LYS B 234 -40.92 -5.71 -3.82
N LEU B 235 -39.92 -6.27 -3.16
CA LEU B 235 -39.15 -5.56 -2.13
C LEU B 235 -38.42 -4.33 -2.67
N MET B 236 -37.73 -4.50 -3.79
CA MET B 236 -36.99 -3.39 -4.38
C MET B 236 -37.92 -2.29 -4.89
N GLU B 237 -39.05 -2.67 -5.48
CA GLU B 237 -39.97 -1.66 -5.97
C GLU B 237 -40.48 -0.84 -4.80
N ALA B 238 -40.72 -1.50 -3.67
CA ALA B 238 -41.21 -0.84 -2.47
C ALA B 238 -40.10 -0.02 -1.84
N LEU B 239 -38.86 -0.36 -2.15
CA LEU B 239 -37.71 0.35 -1.60
C LEU B 239 -37.28 1.51 -2.50
N GLY B 240 -37.79 1.53 -3.72
CA GLY B 240 -37.46 2.58 -4.65
C GLY B 240 -36.22 2.28 -5.47
N ALA B 241 -35.59 1.14 -5.15
CA ALA B 241 -34.38 0.71 -5.83
C ALA B 241 -34.62 0.23 -7.26
N LYS B 242 -33.66 0.54 -8.13
CA LYS B 242 -33.73 0.14 -9.52
C LYS B 242 -32.53 -0.74 -9.83
N LYS B 243 -32.67 -1.63 -10.79
CA LYS B 243 -31.57 -2.52 -11.15
C LYS B 243 -30.61 -1.87 -12.14
N ARG B 244 -29.39 -1.60 -11.66
CA ARG B 244 -28.34 -0.98 -12.46
C ARG B 244 -28.11 -1.78 -13.74
N LEU B 245 -27.35 -2.85 -13.62
CA LEU B 245 -27.05 -3.73 -14.75
C LEU B 245 -27.09 -5.12 -14.14
N PHE B 246 -26.37 -5.27 -13.04
CA PHE B 246 -26.32 -6.54 -12.34
C PHE B 246 -27.05 -6.47 -11.01
N ASP B 247 -26.71 -5.48 -10.17
CA ASP B 247 -27.36 -5.37 -8.88
C ASP B 247 -28.34 -4.20 -8.81
N TYR B 248 -29.07 -4.13 -7.70
CA TYR B 248 -30.03 -3.05 -7.50
C TYR B 248 -29.30 -1.92 -6.79
N VAL B 249 -29.56 -0.68 -7.18
CA VAL B 249 -28.91 0.46 -6.54
C VAL B 249 -29.91 1.56 -6.21
N VAL B 250 -29.42 2.58 -5.52
CA VAL B 250 -30.20 3.73 -5.12
C VAL B 250 -29.26 4.93 -4.99
N LYS B 251 -29.77 6.12 -5.25
CA LYS B 251 -28.94 7.31 -5.12
C LYS B 251 -28.43 7.35 -3.70
N CYS B 252 -27.11 7.27 -3.54
CA CYS B 252 -26.47 7.26 -2.22
C CYS B 252 -27.01 8.27 -1.23
N ASN B 253 -27.30 9.48 -1.68
CA ASN B 253 -27.81 10.49 -0.76
C ASN B 253 -29.20 10.13 -0.27
N GLU B 254 -29.81 9.15 -0.92
CA GLU B 254 -31.16 8.75 -0.55
C GLU B 254 -31.23 7.47 0.25
N GLY B 255 -30.09 6.83 0.43
CA GLY B 255 -30.06 5.59 1.20
C GLY B 255 -30.76 5.80 2.54
N PRO B 256 -30.37 6.84 3.29
CA PRO B 256 -30.96 7.13 4.59
C PRO B 256 -32.49 7.18 4.61
N THR B 257 -33.10 7.70 3.54
CA THR B 257 -34.55 7.78 3.51
C THR B 257 -35.26 6.44 3.38
N LEU B 258 -34.50 5.37 3.09
CA LEU B 258 -35.13 4.06 2.95
C LEU B 258 -35.74 3.57 4.25
N PRO B 259 -36.81 2.77 4.14
CA PRO B 259 -37.50 2.23 5.31
C PRO B 259 -36.75 1.10 5.99
N ASP B 260 -37.10 0.83 7.23
CA ASP B 260 -36.50 -0.27 7.94
C ASP B 260 -37.14 -1.52 7.35
N ILE B 261 -36.47 -2.66 7.50
CA ILE B 261 -37.03 -3.92 7.00
C ILE B 261 -37.07 -4.84 8.21
N SER B 262 -38.25 -5.32 8.54
CA SER B 262 -38.42 -6.21 9.69
C SER B 262 -38.81 -7.63 9.34
N PHE B 263 -37.99 -8.58 9.79
CA PHE B 263 -38.29 -9.98 9.56
C PHE B 263 -38.92 -10.50 10.85
N HIS B 264 -40.19 -10.87 10.79
CA HIS B 264 -40.89 -11.39 11.96
C HIS B 264 -40.52 -12.85 12.21
N LEU B 265 -39.77 -13.09 13.28
CA LEU B 265 -39.32 -14.43 13.63
C LEU B 265 -39.67 -14.78 15.07
N GLY B 266 -40.22 -15.97 15.27
CA GLY B 266 -40.58 -16.41 16.60
C GLY B 266 -41.22 -15.35 17.50
N GLY B 267 -42.05 -14.49 16.92
CA GLY B 267 -42.71 -13.48 17.73
C GLY B 267 -42.08 -12.09 17.70
N LYS B 268 -40.77 -12.02 17.92
CA LYS B 268 -40.08 -10.75 17.89
C LYS B 268 -39.99 -10.25 16.44
N GLU B 269 -39.59 -8.99 16.29
CA GLU B 269 -39.42 -8.37 14.97
C GLU B 269 -37.94 -8.01 14.82
N TYR B 270 -37.24 -8.66 13.90
CA TYR B 270 -35.83 -8.35 13.70
C TYR B 270 -35.71 -7.31 12.58
N THR B 271 -35.35 -6.09 12.99
CA THR B 271 -35.24 -4.96 12.09
C THR B 271 -33.87 -4.47 11.63
N LEU B 272 -33.79 -4.10 10.36
CA LEU B 272 -32.58 -3.56 9.77
C LEU B 272 -32.93 -2.18 9.25
N THR B 273 -32.12 -1.19 9.60
CA THR B 273 -32.34 0.18 9.11
C THR B 273 -31.56 0.28 7.81
N SER B 274 -31.85 1.31 7.02
CA SER B 274 -31.17 1.50 5.75
C SER B 274 -29.66 1.40 5.93
N ALA B 275 -29.15 1.93 7.04
CA ALA B 275 -27.72 1.88 7.31
C ALA B 275 -27.25 0.44 7.37
N ASP B 276 -28.13 -0.44 7.81
CA ASP B 276 -27.82 -1.86 7.92
C ASP B 276 -27.85 -2.66 6.64
N TYR B 277 -28.56 -2.19 5.62
CA TYR B 277 -28.63 -2.95 4.37
C TYR B 277 -28.17 -2.20 3.11
N VAL B 278 -27.67 -0.98 3.27
CA VAL B 278 -27.19 -0.24 2.12
C VAL B 278 -25.70 -0.01 2.24
N PHE B 279 -24.97 -0.29 1.16
CA PHE B 279 -23.53 -0.07 1.16
C PHE B 279 -23.31 1.41 0.89
N GLN B 280 -23.33 2.21 1.94
CA GLN B 280 -23.12 3.66 1.81
C GLN B 280 -21.67 4.02 1.56
N GLU B 281 -21.12 3.59 0.43
CA GLU B 281 -19.73 3.91 0.06
C GLU B 281 -19.56 5.43 0.18
N SER B 282 -20.67 6.14 0.08
CA SER B 282 -20.71 7.60 0.20
C SER B 282 -22.17 8.00 0.39
N TYR B 283 -22.40 9.29 0.62
CA TYR B 283 -23.76 9.77 0.80
C TYR B 283 -24.01 10.86 -0.22
N SER B 284 -23.21 10.79 -1.28
CA SER B 284 -23.27 11.73 -2.38
C SER B 284 -24.49 11.56 -3.29
N SER B 285 -25.10 12.68 -3.68
CA SER B 285 -26.25 12.65 -4.56
C SER B 285 -25.77 12.54 -6.01
N LYS B 286 -24.47 12.39 -6.15
CA LYS B 286 -23.85 12.29 -7.47
C LYS B 286 -23.51 10.86 -7.89
N LYS B 287 -23.75 9.90 -6.98
CA LYS B 287 -23.45 8.50 -7.29
C LYS B 287 -24.45 7.49 -6.74
N LEU B 288 -24.38 6.28 -7.26
CA LEU B 288 -25.27 5.20 -6.85
C LEU B 288 -24.65 4.36 -5.74
N CYS B 289 -25.48 3.67 -4.98
CA CYS B 289 -25.01 2.82 -3.91
C CYS B 289 -25.72 1.46 -4.00
N THR B 290 -25.01 0.39 -3.64
CA THR B 290 -25.55 -0.95 -3.70
C THR B 290 -26.21 -1.43 -2.42
N LEU B 291 -27.20 -2.31 -2.55
CA LEU B 291 -27.89 -2.85 -1.38
C LEU B 291 -27.27 -4.21 -1.05
N ALA B 292 -27.42 -4.65 0.21
CA ALA B 292 -26.86 -5.93 0.61
C ALA B 292 -27.96 -6.98 0.69
N ILE B 293 -28.84 -6.95 -0.29
CA ILE B 293 -29.95 -7.88 -0.39
C ILE B 293 -29.99 -8.27 -1.85
N HIS B 294 -30.03 -9.57 -2.13
CA HIS B 294 -30.05 -10.02 -3.52
C HIS B 294 -31.10 -11.09 -3.73
N ALA B 295 -31.43 -11.34 -4.99
CA ALA B 295 -32.41 -12.37 -5.31
C ALA B 295 -31.60 -13.66 -5.35
N MET B 296 -32.19 -14.75 -4.87
CA MET B 296 -31.53 -16.04 -4.88
C MET B 296 -32.57 -17.14 -4.82
N ASP B 297 -32.87 -17.72 -5.97
CA ASP B 297 -33.85 -18.78 -6.02
C ASP B 297 -33.21 -20.08 -5.58
N ILE B 298 -33.45 -20.47 -4.34
CA ILE B 298 -32.89 -21.70 -3.81
C ILE B 298 -33.87 -22.84 -4.13
N PRO B 299 -33.38 -23.88 -4.81
CA PRO B 299 -34.17 -25.05 -5.20
C PRO B 299 -34.49 -26.02 -4.07
N PRO B 300 -35.58 -26.80 -4.23
CA PRO B 300 -35.97 -27.78 -3.20
C PRO B 300 -34.87 -28.83 -3.04
N PRO B 301 -34.90 -29.58 -1.92
CA PRO B 301 -35.90 -29.45 -0.86
C PRO B 301 -35.69 -28.21 0.01
N THR B 302 -34.44 -27.81 0.17
CA THR B 302 -34.11 -26.66 0.99
C THR B 302 -34.97 -25.44 0.70
N GLY B 303 -35.10 -25.10 -0.58
CA GLY B 303 -35.90 -23.96 -0.96
C GLY B 303 -37.20 -24.31 -1.64
N PRO B 304 -37.94 -23.32 -2.16
CA PRO B 304 -37.51 -21.92 -2.07
C PRO B 304 -37.64 -21.35 -0.65
N THR B 305 -36.65 -20.56 -0.24
CA THR B 305 -36.64 -19.94 1.08
C THR B 305 -35.79 -18.71 1.06
N TRP B 306 -35.99 -17.84 2.05
CA TRP B 306 -35.18 -16.65 2.19
C TRP B 306 -33.88 -17.12 2.84
N ALA B 307 -32.84 -16.32 2.72
CA ALA B 307 -31.57 -16.68 3.33
C ALA B 307 -31.06 -15.50 4.13
N LEU B 308 -30.87 -15.70 5.43
CA LEU B 308 -30.35 -14.65 6.30
C LEU B 308 -28.84 -14.90 6.44
N GLY B 309 -28.05 -14.13 5.72
CA GLY B 309 -26.61 -14.30 5.77
C GLY B 309 -25.89 -13.17 6.48
N ALA B 310 -24.66 -12.91 6.06
CA ALA B 310 -23.84 -11.87 6.65
C ALA B 310 -24.60 -10.59 7.00
N THR B 311 -25.41 -10.09 6.07
CA THR B 311 -26.16 -8.86 6.33
C THR B 311 -27.00 -8.93 7.61
N PHE B 312 -27.77 -9.99 7.77
CA PHE B 312 -28.59 -10.15 8.95
C PHE B 312 -27.74 -10.39 10.21
N ILE B 313 -26.79 -11.31 10.09
CA ILE B 313 -25.89 -11.69 11.18
C ILE B 313 -25.04 -10.52 11.67
N ARG B 314 -24.71 -9.63 10.74
CA ARG B 314 -23.91 -8.45 11.06
C ARG B 314 -24.68 -7.60 12.06
N LYS B 315 -26.01 -7.63 11.94
CA LYS B 315 -26.88 -6.87 12.82
C LYS B 315 -27.13 -7.65 14.11
N PHE B 316 -27.41 -8.95 13.97
CA PHE B 316 -27.69 -9.78 15.12
C PHE B 316 -26.72 -10.93 15.37
N TYR B 317 -26.09 -10.91 16.53
CA TYR B 317 -25.16 -11.97 16.92
C TYR B 317 -25.99 -13.25 16.96
N THR B 318 -25.51 -14.33 16.34
CA THR B 318 -26.26 -15.58 16.27
C THR B 318 -25.70 -16.81 17.01
N GLU B 319 -26.58 -17.51 17.73
CA GLU B 319 -26.17 -18.71 18.46
C GLU B 319 -26.91 -19.92 17.91
N PHE B 320 -26.16 -20.88 17.39
CA PHE B 320 -26.74 -22.10 16.83
C PHE B 320 -26.76 -23.22 17.88
N ASP B 321 -27.96 -23.50 18.38
CA ASP B 321 -28.20 -24.48 19.41
C ASP B 321 -28.56 -25.88 18.89
N ARG B 322 -27.58 -26.76 18.83
CA ARG B 322 -27.77 -28.14 18.36
C ARG B 322 -28.66 -28.94 19.30
N ARG B 323 -28.43 -28.77 20.59
CA ARG B 323 -29.17 -29.48 21.63
C ARG B 323 -30.68 -29.31 21.53
N ASN B 324 -31.13 -28.06 21.36
CA ASN B 324 -32.55 -27.77 21.28
C ASN B 324 -33.10 -27.47 19.88
N ASN B 325 -32.33 -27.75 18.84
CA ASN B 325 -32.78 -27.46 17.48
C ASN B 325 -33.45 -26.09 17.43
N ARG B 326 -32.69 -25.06 17.83
CA ARG B 326 -33.21 -23.70 17.85
C ARG B 326 -32.05 -22.75 17.51
N ILE B 327 -32.39 -21.55 17.06
CA ILE B 327 -31.39 -20.54 16.76
C ILE B 327 -31.62 -19.35 17.69
N GLY B 328 -30.53 -18.83 18.25
CA GLY B 328 -30.67 -17.70 19.16
C GLY B 328 -30.16 -16.42 18.53
N PHE B 329 -30.84 -15.32 18.82
CA PHE B 329 -30.45 -14.01 18.30
C PHE B 329 -30.41 -12.96 19.40
N ALA B 330 -29.57 -11.95 19.17
CA ALA B 330 -29.40 -10.85 20.11
C ALA B 330 -28.67 -9.77 19.35
N LEU B 331 -28.87 -8.52 19.75
CA LEU B 331 -28.23 -7.38 19.11
C LEU B 331 -26.70 -7.46 19.23
N ALA B 332 -26.01 -7.35 18.10
CA ALA B 332 -24.55 -7.40 18.09
C ALA B 332 -23.94 -6.06 18.51
N ARG B 333 -22.66 -6.07 18.83
CA ARG B 333 -21.99 -4.85 19.23
C ARG B 333 -20.47 -5.01 19.24
C1 NAG C . 43.91 19.52 10.18
C2 NAG C . 45.18 19.87 10.95
C3 NAG C . 45.73 21.24 10.52
C4 NAG C . 45.91 21.26 9.01
C5 NAG C . 44.58 20.93 8.33
C6 NAG C . 44.67 20.90 6.81
C7 NAG C . 45.34 18.87 13.13
C8 NAG C . 45.56 19.15 14.61
N2 NAG C . 44.91 19.87 12.37
O3 NAG C . 46.97 21.47 11.17
O4 NAG C . 46.38 22.54 8.57
O5 NAG C . 44.13 19.62 8.75
O6 NAG C . 46.01 20.66 6.39
O7 NAG C . 45.57 17.74 12.68
C1 2IG D . 21.02 21.30 -0.20
N1 2IG D . 21.71 22.06 -1.07
C2 2IG D . 22.92 21.61 -1.43
N2 2IG D . 23.46 20.47 -0.97
C3 2IG D . 22.78 19.70 -0.09
C4 2IG D . 21.48 20.08 0.34
N3 2IG D . 19.80 21.79 0.13
N4 2IG D . 23.65 22.33 -2.30
C5 2IG D . 23.49 18.42 0.37
C6 2IG D . 23.31 17.25 -0.61
C7 2IG D . 20.73 19.20 2.69
C8 2IG D . 19.85 18.31 3.43
C9 2IG D . 18.92 17.52 2.70
C10 2IG D . 18.87 17.61 1.32
C11 2IG D . 19.72 18.45 0.60
C12 2IG D . 20.66 19.25 1.26
N5 2IG D . 17.90 16.76 0.81
C13 2IG D . 17.60 16.63 -0.63
C14 2IG D . 18.56 15.65 -1.35
C15 2IG D . 18.66 15.92 -2.86
O1 2IG D . 19.55 14.99 -3.46
C16 2IG D . 19.73 15.12 -4.86
C17 2IG D . 16.26 15.14 1.85
C18 2IG D . 17.30 16.10 1.86
C19 2IG D . 17.89 16.53 3.07
C20 2IG D . 17.46 16.01 4.31
C21 2IG D . 16.41 15.03 4.32
C22 2IG D . 15.82 14.60 3.09
C1 NAG E . -13.93 -44.08 2.93
C2 NAG E . -13.76 -45.62 2.97
C3 NAG E . -15.09 -46.39 3.00
C4 NAG E . -16.11 -45.75 3.93
C5 NAG E . -16.22 -44.28 3.58
C6 NAG E . -17.27 -43.55 4.41
C7 NAG E . -11.69 -46.06 1.79
C8 NAG E . -11.01 -45.48 0.55
N2 NAG E . -13.02 -46.06 1.79
O3 NAG E . -14.86 -47.73 3.40
O4 NAG E . -17.37 -46.38 3.78
O5 NAG E . -14.96 -43.64 3.83
O6 NAG E . -16.85 -43.42 5.77
O7 NAG E . -11.00 -46.50 2.71
C1 2IG F . -22.80 -20.53 -0.65
N1 2IG F . -23.80 -21.01 0.11
C2 2IG F . -23.45 -21.84 1.10
N2 2IG F . -22.19 -22.21 1.37
C3 2IG F . -21.16 -21.75 0.62
C4 2IG F . -21.42 -20.86 -0.45
N3 2IG F . -23.19 -19.70 -1.64
N4 2IG F . -24.40 -22.33 1.88
C5 2IG F . -19.78 -22.24 1.01
C6 2IG F . -19.30 -21.60 2.31
C7 2IG F . -19.65 -20.90 -2.41
C8 2IG F . -18.63 -20.18 -3.15
C9 2IG F . -18.33 -18.84 -2.76
C10 2IG F . -19.00 -18.25 -1.70
C11 2IG F . -19.99 -18.95 -0.99
C12 2IG F . -20.34 -20.27 -1.32
N5 2IG F . -18.56 -16.97 -1.49
C13 2IG F . -19.09 -16.07 -0.43
C14 2IG F . -18.47 -16.33 0.96
C15 2IG F . -19.32 -15.73 2.08
O1 2IG F . -18.73 -15.97 3.34
C16 2IG F . -19.43 -15.45 4.45
C17 2IG F . -16.84 -15.48 -2.60
C18 2IG F . -17.58 -16.67 -2.41
C19 2IG F . -17.38 -17.80 -3.24
C20 2IG F . -16.44 -17.78 -4.28
C21 2IG F . -15.67 -16.58 -4.47
C22 2IG F . -15.88 -15.43 -3.64
#